data_1P5Q
#
_entry.id   1P5Q
#
_cell.length_a   114.274
_cell.length_b   142.927
_cell.length_c   170.897
_cell.angle_alpha   90.00
_cell.angle_beta   90.00
_cell.angle_gamma   90.00
#
_symmetry.space_group_name_H-M   'C 2 2 21'
#
loop_
_entity.id
_entity.type
_entity.pdbx_description
1 polymer 'FK506-binding protein 4'
2 non-polymer 'SULFATE ION'
3 water water
#
_entity_poly.entity_id   1
_entity_poly.type   'polypeptide(L)'
_entity_poly.pdbx_seq_one_letter_code
;MGSSHHHHHHSSGLVPRGSHMEEDGGIIRRIQTRGEGYAKPNEGAIVEVALEGYYKDKLFDQRELRFEIGEGENLDLPYG
LERAIQR(MSE)EKGEHSIVYLKPSYAFGSVGKEKFQIPPNAELKYELHLKSFEKAKESWE(MSE)NSEEKLEQSTIVKE
RGTVYFKEGKYKQALLQYKKIVSWLEYESSFSNEEAQKAQALRLASHLNLAMCHLKLQAFSAAIESCNKALELDSNNEKG
LSRRGEAHLAVNDFELARADFQKVLQLYPNNKAAKTQLAVCQQRIRRQLAREKKLYANMFERLAEEENKAKAEASSGDHP
TDTEMKEEQKSNTAGSQSQVETEA
;
_entity_poly.pdbx_strand_id   A,B,C
#
# COMPACT_ATOMS: atom_id res chain seq x y z
N GLU A 22 15.82 -22.24 -19.77
CA GLU A 22 15.23 -22.17 -18.40
C GLU A 22 15.64 -20.89 -17.64
N GLU A 23 16.90 -20.83 -17.16
CA GLU A 23 17.41 -19.63 -16.47
C GLU A 23 18.28 -18.96 -17.52
N ASP A 24 18.28 -19.58 -18.71
CA ASP A 24 18.98 -19.12 -19.91
C ASP A 24 20.45 -18.74 -19.75
N GLY A 25 21.21 -19.63 -19.12
CA GLY A 25 22.62 -19.39 -18.92
C GLY A 25 22.98 -18.38 -17.86
N GLY A 26 22.08 -18.13 -16.91
CA GLY A 26 22.38 -17.17 -15.85
C GLY A 26 23.42 -17.74 -14.88
N ILE A 27 23.28 -19.04 -14.58
CA ILE A 27 24.17 -19.77 -13.69
C ILE A 27 24.95 -20.78 -14.58
N ILE A 28 26.18 -20.41 -14.97
CA ILE A 28 27.07 -21.22 -15.82
C ILE A 28 28.13 -21.87 -14.93
N ARG A 29 28.19 -23.20 -14.88
CA ARG A 29 29.16 -23.85 -14.01
C ARG A 29 30.07 -24.91 -14.65
N ARG A 30 31.38 -24.70 -14.50
CA ARG A 30 32.39 -25.62 -15.03
C ARG A 30 32.93 -26.47 -13.86
N ILE A 31 32.79 -27.78 -13.98
CA ILE A 31 33.24 -28.68 -12.93
C ILE A 31 34.74 -28.99 -13.08
N GLN A 32 35.50 -28.68 -12.03
CA GLN A 32 36.95 -28.87 -11.98
C GLN A 32 37.40 -30.28 -11.55
N THR A 33 36.80 -30.79 -10.49
CA THR A 33 37.15 -32.11 -10.00
C THR A 33 35.85 -32.78 -9.58
N ARG A 34 35.33 -33.68 -10.41
CA ARG A 34 34.06 -34.35 -10.10
C ARG A 34 33.98 -34.86 -8.65
N GLY A 35 32.75 -35.07 -8.19
CA GLY A 35 32.55 -35.53 -6.84
C GLY A 35 31.88 -36.89 -6.85
N GLU A 36 32.60 -37.87 -6.31
CA GLU A 36 32.09 -39.22 -6.23
C GLU A 36 30.87 -39.12 -5.33
N GLY A 37 29.75 -39.60 -5.84
CA GLY A 37 28.53 -39.54 -5.06
C GLY A 37 27.35 -39.21 -5.94
N TYR A 38 26.25 -39.86 -5.63
CA TYR A 38 24.97 -39.68 -6.33
C TYR A 38 24.26 -38.44 -5.78
N ALA A 39 24.41 -38.26 -4.49
CA ALA A 39 23.80 -37.19 -3.74
C ALA A 39 24.10 -35.76 -4.17
N LYS A 40 23.09 -34.92 -4.02
CA LYS A 40 23.19 -33.49 -4.32
C LYS A 40 22.39 -32.79 -3.21
N PRO A 41 22.77 -31.55 -2.84
CA PRO A 41 22.02 -30.86 -1.78
C PRO A 41 20.66 -30.38 -2.27
N ASN A 42 19.71 -30.24 -1.35
CA ASN A 42 18.38 -29.73 -1.68
C ASN A 42 18.14 -28.57 -0.74
N GLU A 43 17.11 -27.79 -1.01
CA GLU A 43 16.87 -26.63 -0.17
C GLU A 43 16.78 -27.13 1.25
N GLY A 44 17.33 -26.38 2.19
CA GLY A 44 17.27 -26.82 3.58
C GLY A 44 18.45 -27.69 3.97
N ALA A 45 19.20 -28.17 2.99
CA ALA A 45 20.33 -28.98 3.29
C ALA A 45 21.43 -28.16 3.97
N ILE A 46 22.01 -28.70 5.03
CA ILE A 46 23.10 -28.04 5.70
C ILE A 46 24.33 -28.39 4.87
N VAL A 47 25.15 -27.39 4.53
CA VAL A 47 26.35 -27.66 3.72
C VAL A 47 27.62 -27.07 4.29
N GLU A 48 28.73 -27.67 3.86
CA GLU A 48 30.09 -27.31 4.25
C GLU A 48 30.69 -26.87 2.94
N VAL A 49 30.98 -25.59 2.79
CA VAL A 49 31.56 -25.19 1.53
C VAL A 49 32.83 -24.41 1.78
N ALA A 50 33.61 -24.29 0.72
CA ALA A 50 34.86 -23.54 0.74
C ALA A 50 34.75 -22.67 -0.52
N LEU A 51 34.44 -21.38 -0.35
CA LEU A 51 34.23 -20.51 -1.50
C LEU A 51 35.24 -19.39 -1.73
N GLU A 52 35.26 -18.94 -2.99
CA GLU A 52 36.12 -17.86 -3.45
C GLU A 52 35.31 -17.05 -4.47
N GLY A 53 35.17 -15.76 -4.19
CA GLY A 53 34.39 -14.89 -5.07
C GLY A 53 35.18 -13.78 -5.76
N TYR A 54 35.08 -13.75 -7.09
CA TYR A 54 35.81 -12.76 -7.87
C TYR A 54 34.94 -11.87 -8.76
N TYR A 55 35.21 -10.56 -8.68
CA TYR A 55 34.53 -9.57 -9.52
C TYR A 55 35.65 -9.07 -10.39
N LYS A 56 35.66 -9.53 -11.63
CA LYS A 56 36.72 -9.17 -12.57
C LYS A 56 38.06 -9.66 -11.97
N ASP A 57 38.10 -10.98 -11.79
CA ASP A 57 39.25 -11.71 -11.30
C ASP A 57 39.87 -11.22 -10.02
N LYS A 58 39.33 -10.13 -9.49
CA LYS A 58 39.83 -9.64 -8.21
C LYS A 58 38.97 -10.31 -7.12
N LEU A 59 39.63 -10.94 -6.15
CA LEU A 59 38.93 -11.62 -5.06
C LEU A 59 38.16 -10.61 -4.22
N PHE A 60 36.93 -10.99 -3.82
CA PHE A 60 36.08 -10.13 -3.00
C PHE A 60 35.34 -10.94 -1.94
N ASP A 61 35.45 -12.26 -2.02
CA ASP A 61 34.77 -13.13 -1.07
C ASP A 61 35.52 -14.44 -1.01
N GLN A 62 35.82 -14.90 0.20
CA GLN A 62 36.54 -16.15 0.34
C GLN A 62 36.47 -16.64 1.78
N ARG A 63 35.83 -17.79 1.98
CA ARG A 63 35.70 -18.37 3.32
C ARG A 63 35.06 -19.77 3.29
N GLU A 64 35.26 -20.52 4.38
CA GLU A 64 34.69 -21.86 4.52
C GLU A 64 33.53 -21.70 5.46
N LEU A 65 32.34 -22.11 5.05
CA LEU A 65 31.20 -21.97 5.96
C LEU A 65 30.28 -23.14 5.91
N ARG A 66 29.59 -23.32 7.03
CA ARG A 66 28.61 -24.39 7.20
C ARG A 66 27.36 -23.52 7.26
N PHE A 67 26.49 -23.65 6.26
CA PHE A 67 25.25 -22.86 6.26
C PHE A 67 24.13 -23.70 5.71
N GLU A 68 22.90 -23.22 5.83
CA GLU A 68 21.74 -23.96 5.36
C GLU A 68 21.22 -23.44 4.03
N ILE A 69 21.12 -24.31 3.03
CA ILE A 69 20.64 -23.84 1.71
C ILE A 69 19.30 -23.16 1.89
N GLY A 70 19.27 -21.89 1.47
CA GLY A 70 18.07 -21.08 1.63
C GLY A 70 18.35 -19.91 2.56
N GLU A 71 19.54 -19.82 3.16
CA GLU A 71 19.78 -18.70 4.03
C GLU A 71 20.92 -17.83 3.54
N GLY A 72 21.58 -18.28 2.48
CA GLY A 72 22.71 -17.56 1.90
C GLY A 72 22.63 -16.04 1.81
N GLU A 73 21.42 -15.51 1.58
CA GLU A 73 21.24 -14.06 1.47
C GLU A 73 21.69 -13.38 2.74
N ASN A 74 21.61 -14.08 3.87
CA ASN A 74 22.01 -13.50 5.16
C ASN A 74 23.48 -13.74 5.51
N LEU A 75 24.23 -14.25 4.54
CA LEU A 75 25.64 -14.56 4.74
C LEU A 75 26.35 -13.95 3.52
N ASP A 76 25.63 -13.09 2.81
CA ASP A 76 26.15 -12.42 1.62
C ASP A 76 26.55 -13.38 0.49
N LEU A 77 25.69 -14.35 0.21
CA LEU A 77 25.95 -15.28 -0.87
C LEU A 77 24.91 -14.91 -1.90
N PRO A 78 25.25 -14.89 -3.19
CA PRO A 78 24.29 -14.55 -4.26
C PRO A 78 23.34 -15.74 -4.28
N TYR A 79 22.10 -15.59 -4.74
CA TYR A 79 21.28 -16.81 -4.70
C TYR A 79 21.52 -17.74 -5.87
N GLY A 80 22.20 -17.24 -6.89
CA GLY A 80 22.50 -18.11 -8.01
C GLY A 80 23.52 -19.11 -7.52
N LEU A 81 24.29 -18.68 -6.52
CA LEU A 81 25.33 -19.49 -5.91
C LEU A 81 24.72 -20.63 -5.09
N GLU A 82 23.70 -20.34 -4.30
CA GLU A 82 23.05 -21.42 -3.56
C GLU A 82 22.33 -22.29 -4.57
N ARG A 83 21.88 -21.68 -5.66
CA ARG A 83 21.21 -22.50 -6.65
C ARG A 83 22.25 -23.47 -7.20
N ALA A 84 23.43 -22.95 -7.54
CA ALA A 84 24.51 -23.79 -8.11
C ALA A 84 25.01 -24.88 -7.18
N ILE A 85 24.93 -24.63 -5.88
CA ILE A 85 25.38 -25.62 -4.91
C ILE A 85 24.42 -26.81 -4.96
N GLN A 86 23.16 -26.56 -5.32
CA GLN A 86 22.18 -27.63 -5.38
C GLN A 86 22.38 -28.59 -6.55
N ARG A 87 23.46 -28.40 -7.32
CA ARG A 87 23.77 -29.26 -8.47
C ARG A 87 25.20 -29.76 -8.37
N GLU A 89 28.24 -32.21 -6.03
CA GLU A 89 28.37 -33.47 -5.33
C GLU A 89 29.51 -33.44 -4.32
N LYS A 90 29.43 -34.30 -3.30
CA LYS A 90 30.45 -34.32 -2.26
C LYS A 90 31.89 -34.20 -2.82
N GLY A 91 32.69 -33.33 -2.18
CA GLY A 91 34.08 -33.15 -2.56
C GLY A 91 34.39 -32.45 -3.88
N GLU A 92 33.35 -32.25 -4.69
CA GLU A 92 33.46 -31.59 -5.98
C GLU A 92 34.08 -30.21 -5.87
N HIS A 93 34.77 -29.81 -6.94
CA HIS A 93 35.39 -28.50 -7.05
C HIS A 93 34.85 -27.92 -8.35
N SER A 94 34.20 -26.76 -8.29
CA SER A 94 33.65 -26.18 -9.50
C SER A 94 33.78 -24.70 -9.54
N ILE A 95 33.59 -24.17 -10.74
CA ILE A 95 33.62 -22.73 -10.94
C ILE A 95 32.21 -22.37 -11.38
N VAL A 96 31.68 -21.31 -10.78
CA VAL A 96 30.34 -20.89 -11.10
C VAL A 96 30.27 -19.47 -11.64
N TYR A 97 29.66 -19.37 -12.81
CA TYR A 97 29.50 -18.11 -13.48
C TYR A 97 28.08 -17.67 -13.28
N LEU A 98 27.93 -16.49 -12.67
CA LEU A 98 26.61 -15.91 -12.39
C LEU A 98 26.46 -14.56 -13.09
N LYS A 99 25.42 -14.44 -13.92
CA LYS A 99 25.14 -13.18 -14.57
C LYS A 99 24.68 -12.20 -13.46
N PRO A 100 24.61 -10.91 -13.77
CA PRO A 100 24.17 -9.99 -12.72
C PRO A 100 22.80 -10.32 -12.13
N SER A 101 21.89 -10.87 -12.95
CA SER A 101 20.54 -11.22 -12.48
C SER A 101 20.54 -12.19 -11.31
N TYR A 102 21.33 -13.26 -11.44
CA TYR A 102 21.42 -14.29 -10.40
C TYR A 102 22.53 -14.01 -9.40
N ALA A 103 23.15 -12.84 -9.51
CA ALA A 103 24.21 -12.41 -8.60
C ALA A 103 23.59 -11.41 -7.64
N PHE A 104 24.28 -10.31 -7.37
CA PHE A 104 23.73 -9.30 -6.46
C PHE A 104 22.96 -8.26 -7.27
N GLY A 105 22.57 -8.65 -8.47
CA GLY A 105 21.82 -7.79 -9.38
C GLY A 105 21.94 -6.27 -9.28
N SER A 106 20.78 -5.63 -9.39
CA SER A 106 20.65 -4.18 -9.35
C SER A 106 21.22 -3.38 -8.15
N VAL A 107 21.42 -4.03 -7.01
CA VAL A 107 21.95 -3.36 -5.82
C VAL A 107 23.45 -3.54 -5.69
N GLY A 108 23.90 -4.74 -6.03
CA GLY A 108 25.31 -5.07 -5.86
C GLY A 108 25.46 -5.32 -4.36
N LYS A 109 26.69 -5.41 -3.89
CA LYS A 109 26.95 -5.62 -2.48
C LYS A 109 28.00 -4.58 -2.20
N GLU A 110 27.69 -3.60 -1.36
CA GLU A 110 28.69 -2.57 -1.10
C GLU A 110 29.87 -3.04 -0.22
N LYS A 111 29.64 -3.93 0.74
CA LYS A 111 30.75 -4.39 1.57
C LYS A 111 31.81 -5.15 0.75
N PHE A 112 31.47 -5.49 -0.50
CA PHE A 112 32.39 -6.21 -1.39
C PHE A 112 32.68 -5.32 -2.61
N GLN A 113 32.49 -4.01 -2.44
CA GLN A 113 32.70 -3.06 -3.54
C GLN A 113 32.01 -3.42 -4.86
N ILE A 114 31.11 -4.40 -4.85
CA ILE A 114 30.43 -4.74 -6.07
C ILE A 114 29.29 -3.77 -6.33
N PRO A 115 29.27 -3.17 -7.54
CA PRO A 115 28.26 -2.21 -7.99
C PRO A 115 27.10 -2.92 -8.71
N PRO A 116 26.01 -2.17 -8.99
CA PRO A 116 24.82 -2.70 -9.67
C PRO A 116 25.21 -3.41 -10.97
N ASN A 117 24.37 -4.34 -11.41
CA ASN A 117 24.61 -5.08 -12.65
C ASN A 117 26.04 -5.61 -12.82
N ALA A 118 26.45 -6.58 -11.99
CA ALA A 118 27.79 -7.19 -12.04
C ALA A 118 27.80 -8.72 -12.19
N GLU A 119 28.59 -9.24 -13.13
CA GLU A 119 28.71 -10.70 -13.33
C GLU A 119 29.68 -11.18 -12.25
N LEU A 120 29.60 -12.47 -11.87
CA LEU A 120 30.50 -12.96 -10.84
C LEU A 120 31.02 -14.36 -11.12
N LYS A 121 32.23 -14.61 -10.61
CA LYS A 121 32.87 -15.91 -10.75
C LYS A 121 33.27 -16.37 -9.37
N TYR A 122 32.93 -17.61 -9.06
CA TYR A 122 33.21 -18.22 -7.77
C TYR A 122 33.89 -19.58 -7.93
N GLU A 123 34.81 -19.88 -7.02
CA GLU A 123 35.50 -21.16 -7.02
C GLU A 123 35.08 -21.90 -5.74
N LEU A 124 33.88 -22.47 -5.69
CA LEU A 124 33.52 -23.18 -4.47
C LEU A 124 33.82 -24.65 -4.53
N HIS A 125 33.91 -25.25 -3.35
CA HIS A 125 34.24 -26.64 -3.22
C HIS A 125 33.36 -27.22 -2.11
N LEU A 126 32.40 -28.04 -2.54
CA LEU A 126 31.44 -28.67 -1.64
C LEU A 126 32.09 -29.80 -0.87
N LYS A 127 32.41 -29.55 0.41
CA LYS A 127 33.03 -30.58 1.24
C LYS A 127 32.07 -31.72 1.64
N SER A 128 30.89 -31.37 2.14
CA SER A 128 29.89 -32.37 2.54
C SER A 128 28.54 -31.70 2.72
N PHE A 129 27.51 -32.49 3.05
CA PHE A 129 26.17 -31.95 3.25
C PHE A 129 25.22 -33.02 3.75
N GLU A 130 24.01 -32.62 4.11
CA GLU A 130 22.97 -33.53 4.58
C GLU A 130 21.69 -33.06 3.91
N LYS A 131 21.16 -33.82 2.96
CA LYS A 131 19.91 -33.38 2.32
C LYS A 131 18.91 -33.17 3.47
N ALA A 132 17.90 -32.33 3.26
CA ALA A 132 16.92 -32.10 4.31
C ALA A 132 15.69 -32.91 3.96
N LYS A 133 15.09 -33.52 4.97
CA LYS A 133 13.89 -34.34 4.73
C LYS A 133 12.85 -33.38 4.15
N GLU A 134 12.12 -33.83 3.14
CA GLU A 134 11.10 -32.97 2.54
C GLU A 134 9.69 -33.31 3.04
N SER A 135 8.93 -32.27 3.35
CA SER A 135 7.58 -32.39 3.85
C SER A 135 6.87 -33.73 3.60
N TRP A 136 6.78 -34.16 2.35
CA TRP A 136 6.12 -35.43 2.04
C TRP A 136 6.84 -36.68 2.60
N GLU A 137 8.16 -36.62 2.80
CA GLU A 137 8.89 -37.77 3.34
C GLU A 137 8.53 -37.99 4.80
N ASN A 139 6.62 -38.60 8.00
CA ASN A 139 5.38 -39.25 8.43
C ASN A 139 4.79 -38.32 9.51
N SER A 140 3.59 -38.61 9.99
CA SER A 140 2.98 -37.75 10.99
C SER A 140 3.83 -37.39 12.24
N GLU A 141 4.32 -38.36 12.99
CA GLU A 141 5.10 -38.00 14.17
C GLU A 141 6.51 -37.46 13.86
N GLU A 142 6.95 -37.59 12.60
CA GLU A 142 8.27 -37.10 12.17
C GLU A 142 8.15 -35.58 12.03
N LYS A 143 6.95 -35.13 11.67
CA LYS A 143 6.67 -33.72 11.47
C LYS A 143 6.63 -33.02 12.83
N LEU A 144 6.07 -33.68 13.83
CA LEU A 144 6.06 -33.05 15.14
C LEU A 144 7.52 -32.97 15.67
N GLU A 145 8.38 -33.77 15.06
CA GLU A 145 9.78 -33.81 15.43
C GLU A 145 10.69 -32.84 14.70
N GLN A 146 10.60 -32.83 13.36
CA GLN A 146 11.44 -31.93 12.60
C GLN A 146 11.04 -30.53 12.99
N SER A 147 9.78 -30.37 13.33
CA SER A 147 9.30 -29.06 13.71
C SER A 147 9.94 -28.60 15.03
N THR A 148 9.90 -29.44 16.07
CA THR A 148 10.49 -29.05 17.34
C THR A 148 12.01 -28.79 17.16
N ILE A 149 12.62 -29.55 16.27
CA ILE A 149 14.03 -29.37 16.03
C ILE A 149 14.17 -27.97 15.49
N VAL A 150 13.46 -27.68 14.40
CA VAL A 150 13.60 -26.36 13.78
C VAL A 150 13.24 -25.17 14.68
N LYS A 151 12.36 -25.37 15.65
CA LYS A 151 11.96 -24.29 16.56
C LYS A 151 13.22 -23.88 17.34
N GLU A 152 13.91 -24.88 17.84
CA GLU A 152 15.12 -24.64 18.60
C GLU A 152 16.17 -23.97 17.73
N ARG A 153 16.40 -24.54 16.57
CA ARG A 153 17.37 -23.98 15.64
C ARG A 153 17.04 -22.50 15.54
N GLY A 154 15.74 -22.22 15.39
CA GLY A 154 15.29 -20.84 15.28
C GLY A 154 15.55 -20.02 16.55
N THR A 155 15.14 -20.51 17.72
CA THR A 155 15.41 -19.72 18.90
C THR A 155 16.88 -19.37 18.99
N VAL A 156 17.75 -20.34 18.73
CA VAL A 156 19.19 -20.12 18.79
C VAL A 156 19.48 -18.88 17.95
N TYR A 157 19.07 -18.93 16.68
CA TYR A 157 19.30 -17.78 15.80
C TYR A 157 18.80 -16.51 16.49
N PHE A 158 17.61 -16.63 17.09
CA PHE A 158 17.01 -15.48 17.74
C PHE A 158 17.92 -14.81 18.73
N LYS A 159 18.41 -15.59 19.66
CA LYS A 159 19.29 -15.10 20.69
C LYS A 159 20.56 -14.48 20.15
N GLU A 160 21.10 -15.00 19.03
CA GLU A 160 22.31 -14.42 18.43
C GLU A 160 21.94 -13.09 17.73
N GLY A 161 20.65 -12.79 17.67
CA GLY A 161 20.23 -11.56 17.01
C GLY A 161 20.09 -11.73 15.50
N LYS A 162 20.32 -12.95 14.99
CA LYS A 162 20.16 -13.24 13.56
C LYS A 162 18.64 -13.41 13.36
N TYR A 163 17.89 -12.33 13.48
CA TYR A 163 16.45 -12.40 13.38
C TYR A 163 15.93 -12.91 12.05
N LYS A 164 16.44 -12.37 10.95
CA LYS A 164 15.92 -12.83 9.64
C LYS A 164 16.09 -14.34 9.45
N GLN A 165 17.23 -14.87 9.90
CA GLN A 165 17.52 -16.30 9.77
C GLN A 165 16.63 -17.15 10.69
N ALA A 166 16.15 -16.54 11.78
CA ALA A 166 15.23 -17.20 12.72
C ALA A 166 13.83 -17.36 12.04
N LEU A 167 13.39 -16.34 11.30
CA LEU A 167 12.11 -16.41 10.60
C LEU A 167 12.05 -17.62 9.69
N LEU A 168 13.12 -17.91 8.94
CA LEU A 168 13.06 -19.05 8.02
C LEU A 168 12.80 -20.33 8.77
N GLN A 169 13.31 -20.45 10.00
CA GLN A 169 13.10 -21.71 10.70
C GLN A 169 11.67 -21.83 11.22
N TYR A 170 11.21 -20.80 11.93
CA TYR A 170 9.84 -20.80 12.46
C TYR A 170 8.79 -20.99 11.33
N LYS A 171 8.87 -20.21 10.25
CA LYS A 171 7.91 -20.35 9.15
C LYS A 171 7.76 -21.82 8.75
N LYS A 172 8.89 -22.53 8.74
CA LYS A 172 8.87 -23.94 8.38
C LYS A 172 7.80 -24.67 9.17
N ILE A 173 7.80 -24.46 10.49
CA ILE A 173 6.82 -25.15 11.34
C ILE A 173 5.39 -25.01 10.83
N VAL A 174 4.90 -23.78 10.81
CA VAL A 174 3.55 -23.47 10.36
C VAL A 174 3.22 -24.22 9.08
N SER A 175 4.07 -24.04 8.08
CA SER A 175 3.85 -24.73 6.84
C SER A 175 3.68 -26.24 7.04
N TRP A 176 4.74 -26.91 7.50
CA TRP A 176 4.70 -28.35 7.71
C TRP A 176 3.42 -28.86 8.37
N LEU A 177 3.10 -28.32 9.54
CA LEU A 177 1.92 -28.74 10.28
C LEU A 177 0.56 -28.17 9.80
N GLU A 178 0.47 -27.71 8.55
CA GLU A 178 -0.79 -27.17 8.05
C GLU A 178 -1.79 -28.18 7.49
N TYR A 179 -1.48 -28.76 6.34
CA TYR A 179 -2.38 -29.73 5.76
C TYR A 179 -2.37 -31.06 6.50
N GLU A 180 -1.20 -31.49 6.95
CA GLU A 180 -1.13 -32.75 7.67
C GLU A 180 -2.17 -32.76 8.80
N SER A 181 -3.13 -33.67 8.71
CA SER A 181 -4.17 -33.77 9.73
C SER A 181 -4.37 -35.18 10.28
N SER A 182 -3.59 -36.14 9.79
CA SER A 182 -3.73 -37.50 10.28
C SER A 182 -3.17 -37.56 11.69
N PHE A 183 -3.63 -36.64 12.55
CA PHE A 183 -3.19 -36.54 13.93
C PHE A 183 -4.04 -37.22 14.97
N SER A 184 -3.38 -38.03 15.78
CA SER A 184 -4.01 -38.82 16.83
C SER A 184 -4.74 -38.09 17.95
N ASN A 185 -5.16 -36.84 17.74
CA ASN A 185 -5.87 -36.10 18.81
C ASN A 185 -4.92 -35.73 19.95
N GLU A 186 -3.84 -36.51 20.09
CA GLU A 186 -2.81 -36.27 21.10
C GLU A 186 -1.83 -35.49 20.28
N GLU A 187 -1.35 -36.14 19.24
CA GLU A 187 -0.41 -35.49 18.33
C GLU A 187 -1.01 -34.13 17.97
N ALA A 188 -2.34 -34.08 17.85
CA ALA A 188 -3.04 -32.85 17.49
C ALA A 188 -2.64 -31.70 18.40
N GLN A 189 -2.82 -31.90 19.69
CA GLN A 189 -2.47 -30.87 20.63
C GLN A 189 -1.00 -30.46 20.47
N LYS A 190 -0.10 -31.44 20.35
CA LYS A 190 1.31 -31.09 20.17
C LYS A 190 1.48 -30.16 18.95
N ALA A 191 0.83 -30.55 17.85
CA ALA A 191 0.92 -29.78 16.61
C ALA A 191 0.32 -28.39 16.79
N GLN A 192 -0.76 -28.32 17.53
CA GLN A 192 -1.38 -27.03 17.76
C GLN A 192 -0.46 -26.14 18.61
N ALA A 193 0.22 -26.71 19.61
CA ALA A 193 1.11 -25.89 20.45
C ALA A 193 2.31 -25.40 19.66
N LEU A 194 2.84 -26.25 18.78
CA LEU A 194 3.97 -25.85 17.94
C LEU A 194 3.54 -24.67 17.09
N ARG A 195 2.34 -24.75 16.51
CA ARG A 195 1.81 -23.66 15.71
C ARG A 195 1.66 -22.37 16.53
N LEU A 196 1.05 -22.46 17.72
CA LEU A 196 0.90 -21.26 18.55
C LEU A 196 2.31 -20.71 18.85
N ALA A 197 3.21 -21.60 19.22
CA ALA A 197 4.58 -21.22 19.55
C ALA A 197 5.30 -20.58 18.35
N SER A 198 5.10 -21.18 17.17
CA SER A 198 5.73 -20.68 15.96
C SER A 198 5.28 -19.25 15.70
N HIS A 199 3.97 -19.04 15.74
CA HIS A 199 3.42 -17.69 15.54
C HIS A 199 3.87 -16.63 16.55
N LEU A 200 3.75 -16.93 17.84
CA LEU A 200 4.18 -15.93 18.79
C LEU A 200 5.66 -15.64 18.59
N ASN A 201 6.44 -16.66 18.22
CA ASN A 201 7.87 -16.46 17.98
C ASN A 201 8.08 -15.59 16.75
N LEU A 202 7.35 -15.87 15.65
CA LEU A 202 7.47 -15.05 14.44
C LEU A 202 7.16 -13.58 14.78
N ALA A 203 6.17 -13.33 15.62
CA ALA A 203 5.87 -11.95 16.01
C ALA A 203 7.12 -11.31 16.66
N MET A 204 7.74 -11.97 17.65
CA MET A 204 8.96 -11.42 18.28
C MET A 204 9.97 -10.98 17.19
N CYS A 205 10.27 -11.87 16.26
CA CYS A 205 11.18 -11.53 15.19
C CYS A 205 10.78 -10.25 14.47
N HIS A 206 9.58 -10.28 13.91
CA HIS A 206 9.07 -9.14 13.18
C HIS A 206 9.17 -7.90 14.06
N LEU A 207 8.82 -8.00 15.33
CA LEU A 207 8.96 -6.79 16.18
C LEU A 207 10.43 -6.38 16.19
N LYS A 208 11.34 -7.32 16.43
CA LYS A 208 12.74 -6.95 16.46
C LYS A 208 13.17 -6.38 15.13
N LEU A 209 12.58 -6.82 14.03
CA LEU A 209 12.92 -6.26 12.70
C LEU A 209 12.11 -5.00 12.41
N GLN A 210 11.27 -4.60 13.36
CA GLN A 210 10.45 -3.42 13.19
C GLN A 210 9.63 -3.61 11.90
N ALA A 211 8.99 -4.77 11.84
CA ALA A 211 8.13 -5.11 10.73
C ALA A 211 6.76 -5.21 11.40
N PHE A 212 6.30 -4.09 11.96
CA PHE A 212 5.04 -4.13 12.69
C PHE A 212 3.79 -4.67 12.04
N SER A 213 3.54 -4.26 10.80
CA SER A 213 2.36 -4.77 10.09
C SER A 213 2.41 -6.30 10.14
N ALA A 214 3.60 -6.87 9.96
CA ALA A 214 3.77 -8.34 10.01
C ALA A 214 3.66 -8.89 11.43
N ALA A 215 4.12 -8.15 12.44
CA ALA A 215 4.01 -8.64 13.81
C ALA A 215 2.53 -8.84 14.12
N ILE A 216 1.67 -7.91 13.67
CA ILE A 216 0.24 -8.08 13.91
C ILE A 216 -0.36 -9.33 13.23
N GLU A 217 0.10 -9.66 12.04
CA GLU A 217 -0.44 -10.83 11.37
C GLU A 217 -0.18 -12.07 12.18
N SER A 218 1.08 -12.23 12.58
CA SER A 218 1.47 -13.39 13.35
C SER A 218 0.71 -13.40 14.66
N CYS A 219 0.55 -12.22 15.26
CA CYS A 219 -0.16 -12.19 16.51
C CYS A 219 -1.57 -12.70 16.30
N ASN A 220 -2.25 -12.18 15.26
CA ASN A 220 -3.62 -12.57 15.00
C ASN A 220 -3.67 -14.08 14.79
N LYS A 221 -2.76 -14.60 13.96
CA LYS A 221 -2.76 -16.03 13.73
C LYS A 221 -2.62 -16.73 15.09
N ALA A 222 -1.64 -16.33 15.88
CA ALA A 222 -1.47 -16.96 17.19
C ALA A 222 -2.80 -16.90 17.95
N LEU A 223 -3.35 -15.70 18.06
CA LEU A 223 -4.60 -15.51 18.77
C LEU A 223 -5.73 -16.41 18.26
N GLU A 224 -5.76 -16.73 16.97
CA GLU A 224 -6.82 -17.63 16.43
C GLU A 224 -6.67 -19.01 17.07
N LEU A 225 -5.50 -19.26 17.67
CA LEU A 225 -5.22 -20.54 18.34
C LEU A 225 -5.60 -20.44 19.83
N ASP A 226 -5.10 -19.41 20.50
CA ASP A 226 -5.39 -19.18 21.92
C ASP A 226 -5.76 -17.71 22.05
N SER A 227 -7.07 -17.43 21.87
CA SER A 227 -7.60 -16.07 21.91
C SER A 227 -7.30 -15.26 23.17
N ASN A 228 -6.81 -15.90 24.23
CA ASN A 228 -6.47 -15.17 25.47
C ASN A 228 -4.96 -15.00 25.74
N ASN A 229 -4.16 -15.47 24.81
CA ASN A 229 -2.71 -15.43 24.89
C ASN A 229 -2.08 -14.11 25.34
N GLU A 230 -1.49 -14.12 26.54
CA GLU A 230 -0.85 -12.93 27.11
C GLU A 230 0.21 -12.43 26.10
N LYS A 231 1.13 -13.31 25.69
CA LYS A 231 2.18 -12.96 24.73
C LYS A 231 1.65 -12.35 23.42
N GLY A 232 0.72 -13.05 22.76
CA GLY A 232 0.17 -12.54 21.51
C GLY A 232 -0.48 -11.19 21.70
N LEU A 233 -1.29 -11.06 22.75
CA LEU A 233 -1.97 -9.80 23.01
C LEU A 233 -0.96 -8.69 23.20
N SER A 234 -0.09 -8.84 24.18
CA SER A 234 0.92 -7.82 24.46
C SER A 234 1.74 -7.43 23.23
N ARG A 235 2.26 -8.40 22.49
CA ARG A 235 3.07 -8.04 21.32
C ARG A 235 2.25 -7.30 20.27
N ARG A 236 1.04 -7.80 20.01
CA ARG A 236 0.19 -7.12 19.03
C ARG A 236 -0.02 -5.72 19.53
N GLY A 237 -0.30 -5.59 20.83
CA GLY A 237 -0.52 -4.27 21.41
C GLY A 237 0.72 -3.42 21.27
N GLU A 238 1.89 -4.05 21.38
CA GLU A 238 3.15 -3.33 21.27
C GLU A 238 3.30 -2.88 19.81
N ALA A 239 2.93 -3.76 18.87
CA ALA A 239 3.09 -3.40 17.46
C ALA A 239 2.17 -2.24 17.07
N HIS A 240 0.94 -2.25 17.57
CA HIS A 240 0.05 -1.14 17.24
C HIS A 240 0.71 0.13 17.75
N LEU A 241 0.97 0.15 19.05
CA LEU A 241 1.59 1.32 19.64
C LEU A 241 2.84 1.79 18.88
N ALA A 242 3.65 0.84 18.42
CA ALA A 242 4.88 1.18 17.69
C ALA A 242 4.61 1.97 16.41
N VAL A 243 3.41 1.80 15.90
CA VAL A 243 2.99 2.42 14.68
C VAL A 243 2.06 3.64 14.95
N ASN A 244 1.91 3.97 16.22
CA ASN A 244 1.08 5.11 16.63
C ASN A 244 -0.42 4.88 16.46
N ASP A 245 -0.82 3.62 16.36
CA ASP A 245 -2.23 3.31 16.27
C ASP A 245 -2.66 3.10 17.72
N PHE A 246 -2.73 4.20 18.48
CA PHE A 246 -3.03 4.15 19.92
C PHE A 246 -4.35 3.53 20.34
N GLU A 247 -5.45 3.90 19.70
CA GLU A 247 -6.75 3.32 20.06
C GLU A 247 -6.69 1.77 20.07
N LEU A 248 -6.18 1.19 18.99
CA LEU A 248 -6.07 -0.27 18.92
C LEU A 248 -5.07 -0.79 19.95
N ALA A 249 -3.99 -0.03 20.18
CA ALA A 249 -2.97 -0.40 21.15
C ALA A 249 -3.62 -0.44 22.55
N ARG A 250 -4.22 0.69 22.95
CA ARG A 250 -4.94 0.77 24.23
C ARG A 250 -5.91 -0.43 24.34
N ALA A 251 -6.53 -0.84 23.24
CA ALA A 251 -7.45 -1.98 23.31
C ALA A 251 -6.79 -3.27 23.76
N ASP A 252 -5.60 -3.58 23.24
CA ASP A 252 -4.93 -4.82 23.64
C ASP A 252 -4.32 -4.83 25.03
N PHE A 253 -3.63 -3.76 25.44
CA PHE A 253 -3.07 -3.77 26.79
C PHE A 253 -4.24 -3.82 27.75
N GLN A 254 -5.30 -3.10 27.40
CA GLN A 254 -6.51 -3.03 28.20
C GLN A 254 -7.04 -4.46 28.37
N LYS A 255 -6.88 -5.29 27.35
CA LYS A 255 -7.38 -6.64 27.48
C LYS A 255 -6.42 -7.48 28.30
N VAL A 256 -5.13 -7.26 28.07
CA VAL A 256 -4.10 -8.01 28.77
C VAL A 256 -4.29 -7.80 30.27
N LEU A 257 -4.62 -6.57 30.66
CA LEU A 257 -4.82 -6.30 32.08
C LEU A 257 -5.98 -7.15 32.62
N GLN A 258 -7.13 -7.10 31.96
CA GLN A 258 -8.31 -7.85 32.41
C GLN A 258 -7.93 -9.28 32.63
N LEU A 259 -7.27 -9.86 31.64
CA LEU A 259 -6.86 -11.24 31.73
C LEU A 259 -5.75 -11.48 32.74
N TYR A 260 -4.69 -10.67 32.64
CA TYR A 260 -3.52 -10.78 33.48
C TYR A 260 -3.17 -9.45 34.17
N PRO A 261 -3.81 -9.15 35.32
CA PRO A 261 -3.57 -7.90 36.06
C PRO A 261 -2.13 -7.61 36.49
N ASN A 262 -1.43 -8.62 36.99
CA ASN A 262 -0.06 -8.38 37.44
C ASN A 262 0.86 -8.38 36.23
N ASN A 263 0.57 -7.51 35.28
CA ASN A 263 1.37 -7.43 34.07
C ASN A 263 2.02 -6.04 33.96
N LYS A 264 3.33 -6.06 34.16
CA LYS A 264 4.16 -4.86 34.10
C LYS A 264 4.03 -4.08 32.81
N ALA A 265 4.44 -4.67 31.70
CA ALA A 265 4.38 -3.96 30.41
C ALA A 265 3.03 -3.30 30.15
N ALA A 266 1.97 -4.09 30.18
CA ALA A 266 0.63 -3.58 29.92
C ALA A 266 0.32 -2.30 30.68
N LYS A 267 0.24 -2.41 32.00
CA LYS A 267 -0.06 -1.24 32.81
C LYS A 267 0.71 -0.01 32.33
N THR A 268 1.99 -0.19 32.06
CA THR A 268 2.82 0.92 31.62
C THR A 268 2.50 1.38 30.21
N GLN A 269 2.53 0.43 29.28
CA GLN A 269 2.21 0.73 27.91
C GLN A 269 0.82 1.37 27.80
N LEU A 270 -0.15 0.86 28.56
CA LEU A 270 -1.49 1.45 28.53
C LEU A 270 -1.36 2.95 28.83
N ALA A 271 -0.56 3.29 29.84
CA ALA A 271 -0.38 4.69 30.23
C ALA A 271 0.03 5.53 29.02
N VAL A 272 1.12 5.11 28.38
CA VAL A 272 1.65 5.79 27.20
C VAL A 272 0.49 6.11 26.26
N CYS A 273 -0.28 5.07 25.91
CA CYS A 273 -1.44 5.20 25.04
C CYS A 273 -2.40 6.30 25.52
N GLN A 274 -2.74 6.30 26.81
CA GLN A 274 -3.63 7.34 27.31
C GLN A 274 -3.02 8.73 27.11
N GLN A 275 -1.76 8.90 27.49
CA GLN A 275 -1.13 10.23 27.32
C GLN A 275 -1.17 10.70 25.88
N ARG A 276 -0.71 9.87 24.94
CA ARG A 276 -0.69 10.26 23.53
C ARG A 276 -2.09 10.52 23.01
N ILE A 277 -3.03 9.63 23.34
CA ILE A 277 -4.42 9.77 22.92
C ILE A 277 -5.01 11.04 23.54
N ARG A 278 -4.54 11.34 24.74
CA ARG A 278 -4.97 12.52 25.47
C ARG A 278 -4.50 13.73 24.65
N ARG A 279 -3.21 13.79 24.33
CA ARG A 279 -2.68 14.90 23.53
C ARG A 279 -3.40 14.96 22.18
N GLN A 280 -3.42 13.84 21.47
CA GLN A 280 -4.06 13.76 20.17
C GLN A 280 -5.40 14.51 20.12
N LEU A 281 -6.27 14.28 21.12
CA LEU A 281 -7.56 14.96 21.15
C LEU A 281 -7.43 16.46 21.32
N ALA A 282 -6.55 16.88 22.23
CA ALA A 282 -6.33 18.31 22.44
C ALA A 282 -5.91 18.96 21.10
N ARG A 283 -5.01 18.33 20.35
CA ARG A 283 -4.61 18.89 19.05
C ARG A 283 -5.86 18.99 18.18
N GLU A 284 -6.43 17.84 17.77
CA GLU A 284 -7.62 17.80 16.93
C GLU A 284 -8.67 18.81 17.34
N LYS A 285 -9.05 18.81 18.61
CA LYS A 285 -10.04 19.76 19.07
C LYS A 285 -9.74 21.22 18.70
N LYS A 286 -8.52 21.70 18.99
CA LYS A 286 -8.20 23.10 18.68
C LYS A 286 -8.32 23.28 17.17
N LEU A 287 -7.96 22.22 16.45
CA LEU A 287 -8.01 22.27 15.01
C LEU A 287 -9.41 22.60 14.52
N TYR A 288 -10.41 21.85 15.00
CA TYR A 288 -11.78 22.11 14.57
C TYR A 288 -12.21 23.47 15.05
N ALA A 289 -11.84 23.80 16.28
CA ALA A 289 -12.17 25.11 16.81
C ALA A 289 -11.69 26.18 15.81
N ASN A 290 -10.40 26.16 15.44
CA ASN A 290 -9.88 27.16 14.49
C ASN A 290 -10.51 27.07 13.11
N MET A 291 -10.82 25.86 12.66
CA MET A 291 -11.42 25.68 11.34
C MET A 291 -12.82 26.26 11.42
N PHE A 292 -13.49 26.01 12.55
CA PHE A 292 -14.84 26.50 12.76
C PHE A 292 -14.85 28.02 12.63
N GLU A 293 -14.10 28.66 13.53
CA GLU A 293 -14.00 30.10 13.56
C GLU A 293 -13.59 30.65 12.19
N ARG A 294 -12.51 30.13 11.62
CA ARG A 294 -12.06 30.62 10.31
C ARG A 294 -13.22 30.46 9.31
N LEU A 295 -14.01 29.40 9.47
CA LEU A 295 -15.17 29.19 8.61
C LEU A 295 -16.23 30.27 8.80
N ALA A 296 -16.56 30.56 10.05
CA ALA A 296 -17.56 31.59 10.35
C ALA A 296 -17.12 32.90 9.71
N GLU A 297 -15.82 33.16 9.72
CA GLU A 297 -15.27 34.40 9.15
C GLU A 297 -15.67 34.52 7.69
N GLU A 298 -15.18 33.60 6.86
CA GLU A 298 -15.50 33.60 5.43
C GLU A 298 -17.00 33.84 5.26
N GLU A 299 -17.78 33.26 6.16
CA GLU A 299 -19.24 33.36 6.14
C GLU A 299 -19.77 34.78 6.26
N ASN A 300 -19.43 35.47 7.35
CA ASN A 300 -19.88 36.85 7.54
C ASN A 300 -19.52 37.72 6.35
N LYS A 301 -18.23 37.73 5.99
CA LYS A 301 -17.80 38.50 4.83
C LYS A 301 -18.74 38.16 3.68
N ALA A 302 -19.20 36.91 3.65
CA ALA A 302 -20.09 36.44 2.60
C ALA A 302 -21.43 37.17 2.68
N LYS A 303 -21.45 38.30 3.40
CA LYS A 303 -22.67 39.09 3.53
C LYS A 303 -22.51 40.44 2.86
N ALA A 304 -22.32 40.40 1.54
CA ALA A 304 -22.18 41.58 0.71
C ALA A 304 -23.58 42.02 0.32
N GLU B 22 0.82 3.33 5.08
CA GLU B 22 1.54 3.43 6.38
C GLU B 22 3.04 3.19 6.18
N GLU B 23 3.84 3.84 7.02
CA GLU B 23 5.30 3.73 6.95
C GLU B 23 5.84 2.40 7.50
N ASP B 24 5.13 1.81 8.47
CA ASP B 24 5.49 0.52 9.06
C ASP B 24 6.94 0.49 9.62
N GLY B 25 7.26 1.45 10.49
CA GLY B 25 8.60 1.50 11.04
C GLY B 25 9.70 2.06 10.13
N GLY B 26 9.29 2.72 9.05
CA GLY B 26 10.27 3.29 8.15
C GLY B 26 11.09 4.35 8.87
N ILE B 27 10.39 5.24 9.58
CA ILE B 27 11.03 6.31 10.33
C ILE B 27 10.96 5.99 11.83
N ILE B 28 12.13 5.74 12.43
CA ILE B 28 12.24 5.41 13.85
C ILE B 28 13.10 6.46 14.55
N ARG B 29 12.53 7.12 15.56
CA ARG B 29 13.28 8.16 16.27
C ARG B 29 13.50 7.95 17.76
N ARG B 30 14.77 7.93 18.15
CA ARG B 30 15.17 7.78 19.54
C ARG B 30 15.49 9.16 20.11
N ILE B 31 14.54 9.74 20.85
CA ILE B 31 14.72 11.06 21.45
C ILE B 31 15.78 11.03 22.53
N GLN B 32 16.85 11.83 22.36
CA GLN B 32 17.94 11.85 23.33
C GLN B 32 17.79 12.95 24.38
N THR B 33 17.42 14.15 23.93
CA THR B 33 17.22 15.29 24.82
C THR B 33 15.82 15.86 24.55
N ARG B 34 15.12 16.28 25.59
CA ARG B 34 13.79 16.82 25.45
C ARG B 34 13.73 18.19 24.75
N GLY B 35 12.61 18.42 24.07
CA GLY B 35 12.38 19.68 23.38
C GLY B 35 11.55 20.61 24.26
N GLU B 36 10.44 21.13 23.74
CA GLU B 36 9.60 22.04 24.52
C GLU B 36 8.57 22.72 23.64
N GLY B 37 7.60 23.36 24.29
CA GLY B 37 6.56 24.10 23.57
C GLY B 37 5.34 23.36 23.06
N TYR B 38 5.44 22.04 22.92
CA TYR B 38 4.34 21.22 22.42
C TYR B 38 3.98 21.56 20.98
N ALA B 39 4.83 22.33 20.30
CA ALA B 39 4.62 22.71 18.89
C ALA B 39 5.59 21.98 17.97
N LYS B 40 5.20 21.79 16.71
CA LYS B 40 6.05 21.10 15.75
C LYS B 40 6.06 21.71 14.34
N PRO B 41 7.18 21.60 13.64
CA PRO B 41 7.27 22.15 12.27
C PRO B 41 6.26 21.44 11.38
N ASN B 42 5.74 22.15 10.39
CA ASN B 42 4.76 21.61 9.42
C ASN B 42 5.32 21.76 8.03
N GLU B 43 4.60 21.24 7.03
CA GLU B 43 5.07 21.37 5.65
C GLU B 43 5.28 22.84 5.37
N GLY B 44 6.49 23.22 4.99
CA GLY B 44 6.72 24.62 4.68
C GLY B 44 7.28 25.46 5.80
N ALA B 45 7.45 24.86 6.97
CA ALA B 45 8.01 25.59 8.12
C ALA B 45 9.44 25.95 7.79
N ILE B 46 9.97 26.97 8.46
CA ILE B 46 11.37 27.30 8.22
C ILE B 46 12.04 26.82 9.49
N VAL B 47 13.00 25.88 9.37
CA VAL B 47 13.67 25.35 10.56
C VAL B 47 15.17 25.60 10.56
N GLU B 48 15.72 25.54 11.77
CA GLU B 48 17.16 25.69 11.99
C GLU B 48 17.48 24.40 12.67
N VAL B 49 18.41 23.67 12.09
CA VAL B 49 18.78 22.39 12.67
C VAL B 49 20.25 22.13 12.41
N ALA B 50 20.84 21.37 13.34
CA ALA B 50 22.22 20.96 13.24
C ALA B 50 22.10 19.44 13.11
N LEU B 51 22.79 18.88 12.13
CA LEU B 51 22.69 17.44 11.91
C LEU B 51 24.03 16.78 11.55
N GLU B 52 23.98 15.46 11.47
CA GLU B 52 25.11 14.61 11.10
C GLU B 52 24.58 13.27 10.62
N GLY B 53 24.95 12.93 9.40
CA GLY B 53 24.48 11.70 8.81
C GLY B 53 25.42 10.52 8.95
N TYR B 54 24.87 9.41 9.44
CA TYR B 54 25.63 8.18 9.62
C TYR B 54 25.13 7.01 8.79
N TYR B 55 26.12 6.28 8.27
CA TYR B 55 25.95 5.08 7.45
C TYR B 55 26.98 4.09 7.98
N LYS B 56 26.53 3.01 8.60
CA LYS B 56 27.44 2.01 9.18
C LYS B 56 28.36 2.66 10.21
N ASP B 57 27.81 3.61 10.96
CA ASP B 57 28.57 4.32 11.99
C ASP B 57 29.60 5.28 11.40
N LYS B 58 29.55 5.47 10.09
CA LYS B 58 30.49 6.38 9.43
C LYS B 58 29.85 7.76 9.21
N LEU B 59 30.60 8.81 9.53
CA LEU B 59 30.10 10.17 9.33
C LEU B 59 30.17 10.47 7.84
N PHE B 60 29.05 10.89 7.27
CA PHE B 60 29.00 11.22 5.85
C PHE B 60 28.33 12.56 5.57
N ASP B 61 27.95 13.27 6.62
CA ASP B 61 27.32 14.59 6.47
C ASP B 61 27.18 15.25 7.84
N GLN B 62 27.83 16.40 7.97
CA GLN B 62 27.81 17.18 9.21
C GLN B 62 27.61 18.64 8.82
N ARG B 63 26.53 19.22 9.29
CA ARG B 63 26.24 20.60 8.97
C ARG B 63 25.35 21.25 9.99
N GLU B 64 25.11 22.54 9.72
CA GLU B 64 24.23 23.37 10.52
C GLU B 64 23.61 24.31 9.47
N LEU B 65 22.33 24.08 9.20
CA LEU B 65 21.57 24.84 8.20
C LEU B 65 20.11 25.10 8.60
N ARG B 66 19.50 26.05 7.93
CA ARG B 66 18.09 26.33 8.18
C ARG B 66 17.43 26.36 6.80
N PHE B 67 16.42 25.51 6.64
CA PHE B 67 15.75 25.38 5.36
C PHE B 67 14.25 25.26 5.53
N GLU B 68 13.55 25.18 4.41
CA GLU B 68 12.11 25.05 4.43
C GLU B 68 11.69 23.61 4.26
N ILE B 69 10.90 23.08 5.20
CA ILE B 69 10.41 21.70 5.13
C ILE B 69 9.73 21.50 3.75
N GLY B 70 10.29 20.62 2.94
CA GLY B 70 9.77 20.37 1.61
C GLY B 70 10.84 20.66 0.55
N GLU B 71 11.96 21.28 0.95
CA GLU B 71 13.00 21.52 -0.05
C GLU B 71 14.22 20.65 0.23
N GLY B 72 14.16 19.89 1.33
CA GLY B 72 15.24 19.02 1.77
C GLY B 72 15.93 18.20 0.72
N GLU B 73 15.17 17.72 -0.25
CA GLU B 73 15.70 16.92 -1.34
C GLU B 73 16.80 17.68 -2.07
N ASN B 74 16.55 18.96 -2.36
CA ASN B 74 17.51 19.82 -3.07
C ASN B 74 18.74 20.12 -2.21
N LEU B 75 18.72 19.65 -0.96
CA LEU B 75 19.80 19.88 0.02
C LEU B 75 20.53 18.58 0.43
N ASP B 76 20.19 17.46 -0.20
CA ASP B 76 20.77 16.16 0.13
C ASP B 76 20.22 15.59 1.44
N LEU B 77 19.06 16.06 1.86
CA LEU B 77 18.42 15.56 3.06
C LEU B 77 17.39 14.52 2.62
N PRO B 78 17.59 13.27 3.01
CA PRO B 78 16.68 12.20 2.65
C PRO B 78 15.25 12.47 3.03
N TYR B 79 14.34 12.13 2.12
CA TYR B 79 12.90 12.29 2.31
C TYR B 79 12.45 12.01 3.74
N GLY B 80 12.84 10.86 4.27
CA GLY B 80 12.44 10.48 5.60
C GLY B 80 12.78 11.44 6.72
N LEU B 81 13.98 12.00 6.67
CA LEU B 81 14.45 12.94 7.69
C LEU B 81 13.54 14.15 7.85
N GLU B 82 13.02 14.71 6.76
CA GLU B 82 12.15 15.87 6.88
C GLU B 82 10.87 15.46 7.62
N ARG B 83 10.35 14.28 7.31
CA ARG B 83 9.13 13.75 7.93
C ARG B 83 9.34 13.51 9.43
N ALA B 84 10.60 13.50 9.83
CA ALA B 84 10.98 13.28 11.22
C ALA B 84 11.09 14.61 11.96
N ILE B 85 11.81 15.54 11.35
CA ILE B 85 11.98 16.87 11.93
C ILE B 85 10.59 17.36 12.25
N GLN B 86 9.62 17.06 11.38
CA GLN B 86 8.25 17.54 11.61
C GLN B 86 7.64 16.99 12.89
N ARG B 87 8.16 15.87 13.37
CA ARG B 87 7.64 15.27 14.60
C ARG B 87 8.51 15.70 15.78
N GLU B 89 10.22 18.68 18.55
CA GLU B 89 9.94 19.94 19.25
C GLU B 89 11.17 20.84 19.23
N LYS B 90 10.97 22.08 19.63
CA LYS B 90 12.05 23.07 19.66
C LYS B 90 13.05 22.66 20.75
N GLY B 91 14.32 22.86 20.48
CA GLY B 91 15.33 22.48 21.45
C GLY B 91 15.54 20.97 21.58
N GLU B 92 14.82 20.17 20.80
CA GLU B 92 14.96 18.71 20.87
C GLU B 92 16.20 18.12 20.18
N HIS B 93 16.79 17.13 20.84
CA HIS B 93 17.95 16.40 20.33
C HIS B 93 17.48 14.98 20.07
N SER B 94 17.60 14.51 18.84
CA SER B 94 17.13 13.16 18.51
C SER B 94 18.02 12.35 17.57
N ILE B 95 17.77 11.04 17.58
CA ILE B 95 18.48 10.12 16.69
C ILE B 95 17.34 9.53 15.90
N VAL B 96 17.46 9.56 14.58
CA VAL B 96 16.43 9.02 13.70
C VAL B 96 17.02 7.90 12.86
N TYR B 97 16.25 6.81 12.78
CA TYR B 97 16.65 5.63 12.01
C TYR B 97 15.69 5.49 10.84
N LEU B 98 16.27 5.50 9.64
CA LEU B 98 15.52 5.41 8.39
C LEU B 98 15.75 4.12 7.61
N LYS B 99 14.67 3.38 7.41
CA LYS B 99 14.75 2.18 6.60
C LYS B 99 15.09 2.69 5.20
N PRO B 100 15.87 1.91 4.45
CA PRO B 100 16.30 2.26 3.09
C PRO B 100 15.31 3.04 2.21
N SER B 101 14.04 2.62 2.21
CA SER B 101 13.01 3.27 1.41
C SER B 101 12.72 4.72 1.84
N TYR B 102 13.30 5.13 2.96
CA TYR B 102 13.10 6.50 3.39
C TYR B 102 14.46 7.14 3.50
N ALA B 103 15.48 6.36 3.21
CA ALA B 103 16.81 6.91 3.21
C ALA B 103 16.83 7.50 1.81
N PHE B 104 17.89 7.21 1.07
CA PHE B 104 17.99 7.67 -0.28
C PHE B 104 17.38 6.57 -1.16
N GLY B 105 16.88 5.52 -0.50
CA GLY B 105 16.24 4.40 -1.16
C GLY B 105 16.88 3.90 -2.42
N SER B 106 16.06 3.57 -3.41
CA SER B 106 16.56 3.09 -4.69
C SER B 106 17.69 3.95 -5.23
N VAL B 107 18.90 3.39 -5.36
CA VAL B 107 20.05 4.12 -5.92
C VAL B 107 20.80 5.17 -5.06
N GLY B 108 20.57 5.12 -3.75
CA GLY B 108 21.24 6.00 -2.78
C GLY B 108 21.60 7.46 -2.99
N LYS B 109 22.91 7.76 -2.89
CA LYS B 109 23.45 9.12 -3.01
C LYS B 109 24.95 8.98 -3.21
N GLU B 110 25.44 9.37 -4.38
CA GLU B 110 26.87 9.24 -4.67
C GLU B 110 27.80 10.13 -3.88
N LYS B 111 27.49 11.42 -3.74
CA LYS B 111 28.43 12.29 -3.04
C LYS B 111 28.69 11.84 -1.60
N PHE B 112 27.75 11.10 -1.02
CA PHE B 112 27.97 10.62 0.33
C PHE B 112 28.41 9.16 0.25
N GLN B 113 28.60 8.67 -0.97
CA GLN B 113 28.99 7.29 -1.21
C GLN B 113 27.94 6.29 -0.71
N ILE B 114 26.75 6.80 -0.37
CA ILE B 114 25.67 5.94 0.11
C ILE B 114 25.15 5.13 -1.08
N PRO B 115 25.38 3.81 -1.06
CA PRO B 115 24.96 2.88 -2.11
C PRO B 115 23.49 2.56 -2.07
N PRO B 116 22.98 2.03 -3.19
CA PRO B 116 21.59 1.63 -3.40
C PRO B 116 21.09 0.75 -2.24
N ASN B 117 19.81 0.87 -1.91
CA ASN B 117 19.17 0.14 -0.81
C ASN B 117 20.09 0.23 0.40
N ALA B 118 19.99 1.34 1.15
CA ALA B 118 20.84 1.59 2.31
C ALA B 118 20.07 2.14 3.52
N GLU B 119 20.53 1.80 4.72
CA GLU B 119 19.91 2.27 5.95
C GLU B 119 20.77 3.40 6.47
N LEU B 120 20.13 4.45 7.00
CA LEU B 120 20.92 5.56 7.53
C LEU B 120 20.53 5.97 8.96
N LYS B 121 21.50 6.59 9.64
CA LYS B 121 21.29 7.08 10.99
C LYS B 121 21.69 8.55 11.05
N TYR B 122 20.71 9.40 11.33
CA TYR B 122 21.00 10.83 11.45
C TYR B 122 20.88 11.25 12.91
N GLU B 123 21.71 12.21 13.26
CA GLU B 123 21.73 12.76 14.59
C GLU B 123 21.48 14.22 14.26
N LEU B 124 20.33 14.73 14.68
CA LEU B 124 20.00 16.14 14.41
C LEU B 124 19.44 16.84 15.64
N HIS B 125 19.57 18.15 15.66
CA HIS B 125 19.09 18.93 16.78
C HIS B 125 18.17 20.01 16.22
N LEU B 126 16.87 19.94 16.52
CA LEU B 126 15.95 20.97 16.03
C LEU B 126 16.15 22.24 16.88
N LYS B 127 16.86 23.23 16.35
CA LYS B 127 17.09 24.47 17.11
C LYS B 127 15.86 25.40 17.14
N SER B 128 15.50 26.02 16.03
CA SER B 128 14.31 26.90 16.04
C SER B 128 13.46 26.61 14.80
N PHE B 129 12.36 27.35 14.66
CA PHE B 129 11.47 27.22 13.51
C PHE B 129 10.23 28.09 13.62
N GLU B 130 9.55 28.30 12.50
CA GLU B 130 8.30 29.09 12.50
C GLU B 130 7.32 28.28 11.69
N LYS B 131 6.27 27.74 12.30
CA LYS B 131 5.33 26.94 11.51
C LYS B 131 4.87 27.78 10.33
N ALA B 132 4.22 27.16 9.34
CA ALA B 132 3.76 27.94 8.18
C ALA B 132 2.24 28.05 8.02
N LYS B 133 1.74 29.24 7.67
CA LYS B 133 0.31 29.45 7.44
C LYS B 133 -0.10 28.47 6.35
N GLU B 134 -1.29 27.91 6.46
CA GLU B 134 -1.75 26.95 5.45
C GLU B 134 -3.00 27.47 4.75
N SER B 135 -3.10 27.13 3.46
CA SER B 135 -4.21 27.55 2.62
C SER B 135 -5.50 27.86 3.40
N TRP B 136 -5.92 26.99 4.32
CA TRP B 136 -7.16 27.25 5.04
C TRP B 136 -7.13 28.32 6.11
N GLU B 137 -5.98 28.55 6.73
CA GLU B 137 -5.89 29.57 7.78
C GLU B 137 -5.89 31.01 7.26
N ASN B 139 -7.08 34.33 5.24
CA ASN B 139 -8.26 34.94 4.66
C ASN B 139 -7.83 35.48 3.28
N SER B 140 -8.74 36.11 2.54
CA SER B 140 -8.40 36.64 1.22
C SER B 140 -7.21 37.61 1.21
N GLU B 141 -7.14 38.55 2.15
CA GLU B 141 -5.99 39.46 2.12
C GLU B 141 -4.71 38.64 2.33
N GLU B 142 -4.71 37.73 3.30
CA GLU B 142 -3.50 36.95 3.56
C GLU B 142 -2.92 36.18 2.37
N LYS B 143 -3.76 35.54 1.55
CA LYS B 143 -3.25 34.78 0.41
C LYS B 143 -2.47 35.71 -0.50
N LEU B 144 -3.03 36.89 -0.74
CA LEU B 144 -2.36 37.87 -1.57
C LEU B 144 -1.05 38.34 -0.88
N GLU B 145 -1.07 38.44 0.45
CA GLU B 145 0.12 38.84 1.18
C GLU B 145 1.16 37.71 1.02
N GLN B 146 0.80 36.50 1.43
CA GLN B 146 1.74 35.39 1.33
C GLN B 146 2.17 35.09 -0.10
N SER B 147 1.26 35.28 -1.04
CA SER B 147 1.65 34.93 -2.39
C SER B 147 2.76 35.81 -2.85
N THR B 148 2.89 36.99 -2.27
CA THR B 148 3.98 37.87 -2.66
C THR B 148 5.28 37.50 -1.94
N ILE B 149 5.17 37.14 -0.66
CA ILE B 149 6.35 36.74 0.07
C ILE B 149 6.99 35.55 -0.65
N VAL B 150 6.21 34.50 -0.81
CA VAL B 150 6.69 33.32 -1.49
C VAL B 150 7.30 33.70 -2.83
N LYS B 151 6.66 34.62 -3.56
CA LYS B 151 7.19 34.97 -4.88
C LYS B 151 8.58 35.59 -4.75
N GLU B 152 8.78 36.29 -3.65
CA GLU B 152 10.07 36.93 -3.37
C GLU B 152 11.12 35.81 -3.23
N ARG B 153 10.81 34.83 -2.37
CA ARG B 153 11.70 33.71 -2.14
C ARG B 153 11.98 33.11 -3.50
N GLY B 154 10.90 32.80 -4.22
CA GLY B 154 11.06 32.22 -5.54
C GLY B 154 12.16 32.93 -6.29
N THR B 155 12.01 34.24 -6.50
CA THR B 155 13.00 35.01 -7.26
C THR B 155 14.44 35.04 -6.66
N VAL B 156 14.58 35.11 -5.34
CA VAL B 156 15.93 35.07 -4.79
C VAL B 156 16.57 33.80 -5.34
N TYR B 157 16.05 32.65 -4.91
CA TYR B 157 16.56 31.34 -5.36
C TYR B 157 16.81 31.38 -6.87
N PHE B 158 15.94 32.03 -7.64
CA PHE B 158 16.16 32.03 -9.07
C PHE B 158 17.48 32.69 -9.47
N LYS B 159 17.90 33.70 -8.71
CA LYS B 159 19.12 34.40 -9.02
C LYS B 159 20.37 33.68 -8.52
N GLU B 160 20.18 32.83 -7.52
CA GLU B 160 21.27 32.03 -6.97
C GLU B 160 21.35 30.76 -7.84
N GLY B 161 20.55 30.71 -8.90
CA GLY B 161 20.54 29.51 -9.72
C GLY B 161 19.81 28.30 -9.10
N LYS B 162 19.19 28.43 -7.92
CA LYS B 162 18.48 27.30 -7.29
C LYS B 162 17.09 26.98 -7.92
N TYR B 163 17.06 26.99 -9.24
CA TYR B 163 15.88 26.73 -10.05
C TYR B 163 14.80 25.81 -9.50
N LYS B 164 15.16 24.61 -9.03
CA LYS B 164 14.16 23.67 -8.50
C LYS B 164 13.53 24.21 -7.23
N GLN B 165 14.36 24.89 -6.45
CA GLN B 165 13.89 25.47 -5.22
C GLN B 165 13.00 26.67 -5.56
N ALA B 166 13.33 27.39 -6.64
CA ALA B 166 12.47 28.49 -7.05
C ALA B 166 11.08 27.91 -7.41
N LEU B 167 11.09 26.81 -8.19
CA LEU B 167 9.85 26.12 -8.60
C LEU B 167 9.05 25.79 -7.38
N LEU B 168 9.73 25.29 -6.37
CA LEU B 168 9.05 24.92 -5.14
C LEU B 168 8.15 26.06 -4.64
N GLN B 169 8.66 27.29 -4.73
CA GLN B 169 7.97 28.51 -4.25
C GLN B 169 6.87 29.04 -5.18
N TYR B 170 7.23 29.39 -6.42
CA TYR B 170 6.25 29.89 -7.38
C TYR B 170 5.00 28.99 -7.39
N LYS B 171 5.22 27.67 -7.39
CA LYS B 171 4.09 26.72 -7.40
C LYS B 171 3.09 27.01 -6.33
N LYS B 172 3.55 27.47 -5.17
CA LYS B 172 2.62 27.74 -4.05
C LYS B 172 1.59 28.78 -4.42
N ILE B 173 2.00 29.79 -5.17
CA ILE B 173 1.09 30.87 -5.59
C ILE B 173 -0.09 30.28 -6.36
N VAL B 174 0.20 29.62 -7.47
CA VAL B 174 -0.86 29.04 -8.28
C VAL B 174 -1.88 28.26 -7.44
N SER B 175 -1.38 27.37 -6.59
CA SER B 175 -2.27 26.60 -5.73
C SER B 175 -3.09 27.56 -4.86
N TRP B 176 -2.49 28.13 -3.83
CA TRP B 176 -3.18 29.08 -2.94
C TRP B 176 -4.21 30.01 -3.58
N LEU B 177 -3.99 30.41 -4.82
CA LEU B 177 -4.91 31.33 -5.47
C LEU B 177 -5.97 30.67 -6.33
N GLU B 178 -5.86 29.36 -6.52
CA GLU B 178 -6.81 28.60 -7.34
C GLU B 178 -8.29 28.71 -6.93
N TYR B 179 -8.75 27.76 -6.11
CA TYR B 179 -10.14 27.75 -5.66
C TYR B 179 -10.63 29.01 -4.93
N GLU B 180 -9.71 29.87 -4.48
CA GLU B 180 -10.12 31.10 -3.77
C GLU B 180 -10.92 31.98 -4.72
N SER B 181 -12.15 32.31 -4.31
CA SER B 181 -12.95 33.14 -5.20
C SER B 181 -13.71 34.29 -4.51
N SER B 182 -13.56 34.38 -3.19
CA SER B 182 -14.22 35.44 -2.42
C SER B 182 -13.52 36.80 -2.55
N PHE B 183 -12.89 37.03 -3.71
CA PHE B 183 -12.17 38.28 -3.95
C PHE B 183 -13.06 39.42 -4.38
N SER B 184 -12.56 40.64 -4.17
CA SER B 184 -13.29 41.86 -4.50
C SER B 184 -12.66 42.68 -5.60
N ASN B 185 -12.89 42.27 -6.84
CA ASN B 185 -12.33 42.97 -7.98
C ASN B 185 -10.90 43.40 -7.86
N GLU B 186 -10.60 44.54 -7.22
CA GLU B 186 -9.19 44.91 -7.13
C GLU B 186 -8.40 43.71 -6.62
N GLU B 187 -9.06 42.82 -5.88
CA GLU B 187 -8.40 41.62 -5.41
C GLU B 187 -8.32 40.60 -6.55
N ALA B 188 -9.43 40.43 -7.28
CA ALA B 188 -9.45 39.52 -8.40
C ALA B 188 -8.30 39.88 -9.30
N GLN B 189 -8.09 41.18 -9.52
CA GLN B 189 -6.99 41.64 -10.35
C GLN B 189 -5.64 41.27 -9.71
N LYS B 190 -5.36 41.85 -8.55
CA LYS B 190 -4.14 41.57 -7.79
C LYS B 190 -3.78 40.08 -7.94
N ALA B 191 -4.75 39.21 -7.70
CA ALA B 191 -4.54 37.77 -7.82
C ALA B 191 -4.17 37.37 -9.25
N GLN B 192 -4.90 37.87 -10.24
CA GLN B 192 -4.59 37.50 -11.62
C GLN B 192 -3.18 37.90 -11.97
N ALA B 193 -2.77 39.08 -11.50
CA ALA B 193 -1.41 39.57 -11.73
C ALA B 193 -0.44 38.52 -11.13
N LEU B 194 -0.75 38.07 -9.91
CA LEU B 194 0.06 37.06 -9.25
C LEU B 194 0.08 35.71 -10.04
N ARG B 195 -1.06 35.05 -10.25
CA ARG B 195 -1.05 33.79 -11.02
C ARG B 195 -0.19 33.97 -12.29
N LEU B 196 -0.40 35.07 -13.00
CA LEU B 196 0.35 35.36 -14.24
C LEU B 196 1.86 35.44 -14.03
N ALA B 197 2.27 36.21 -13.01
CA ALA B 197 3.68 36.39 -12.70
C ALA B 197 4.27 35.01 -12.36
N SER B 198 3.48 34.26 -11.59
CA SER B 198 3.88 32.93 -11.18
C SER B 198 3.92 31.93 -12.33
N HIS B 199 3.07 32.05 -13.34
CA HIS B 199 3.16 31.07 -14.42
C HIS B 199 4.35 31.42 -15.30
N LEU B 200 4.57 32.71 -15.47
CA LEU B 200 5.70 33.14 -16.28
C LEU B 200 7.04 32.71 -15.62
N ASN B 201 7.24 33.03 -14.32
CA ASN B 201 8.49 32.66 -13.67
C ASN B 201 8.68 31.15 -13.74
N LEU B 202 7.62 30.40 -13.44
CA LEU B 202 7.70 28.97 -13.48
C LEU B 202 8.24 28.64 -14.86
N ALA B 203 7.81 29.39 -15.88
CA ALA B 203 8.34 29.09 -17.19
C ALA B 203 9.84 29.34 -17.25
N MET B 204 10.33 30.46 -16.70
CA MET B 204 11.76 30.73 -16.72
C MET B 204 12.48 29.53 -16.08
N CYS B 205 12.04 29.11 -14.88
CA CYS B 205 12.67 27.96 -14.22
C CYS B 205 12.75 26.71 -15.15
N HIS B 206 11.61 26.32 -15.73
CA HIS B 206 11.64 25.14 -16.58
C HIS B 206 12.64 25.33 -17.68
N LEU B 207 12.64 26.49 -18.34
CA LEU B 207 13.61 26.68 -19.41
C LEU B 207 15.04 26.52 -18.86
N LYS B 208 15.34 27.04 -17.68
CA LYS B 208 16.69 26.89 -17.18
C LYS B 208 17.02 25.44 -16.88
N LEU B 209 16.06 24.64 -16.38
CA LEU B 209 16.31 23.21 -16.06
C LEU B 209 16.01 22.38 -17.31
N GLN B 210 15.90 23.06 -18.45
CA GLN B 210 15.63 22.36 -19.69
C GLN B 210 14.51 21.33 -19.57
N ALA B 211 13.41 21.71 -18.91
CA ALA B 211 12.22 20.88 -18.79
C ALA B 211 11.25 21.61 -19.74
N PHE B 212 11.57 21.55 -21.02
CA PHE B 212 10.81 22.20 -22.07
C PHE B 212 9.30 21.98 -22.19
N SER B 213 8.84 20.76 -22.00
CA SER B 213 7.42 20.48 -22.06
C SER B 213 6.73 21.20 -20.91
N ALA B 214 7.35 21.20 -19.73
CA ALA B 214 6.73 21.89 -18.59
C ALA B 214 6.74 23.39 -18.84
N ALA B 215 7.80 23.89 -19.50
CA ALA B 215 7.91 25.32 -19.82
C ALA B 215 6.78 25.71 -20.78
N ILE B 216 6.60 24.93 -21.85
CA ILE B 216 5.53 25.19 -22.80
C ILE B 216 4.20 25.22 -22.05
N GLU B 217 4.03 24.28 -21.14
CA GLU B 217 2.81 24.16 -20.37
C GLU B 217 2.57 25.37 -19.49
N SER B 218 3.61 25.84 -18.81
CA SER B 218 3.47 26.98 -17.91
C SER B 218 3.22 28.25 -18.66
N CYS B 219 3.59 28.25 -19.94
CA CYS B 219 3.39 29.42 -20.75
C CYS B 219 1.93 29.51 -21.10
N ASN B 220 1.34 28.38 -21.50
CA ASN B 220 -0.08 28.36 -21.88
C ASN B 220 -0.91 28.83 -20.69
N LYS B 221 -0.51 28.44 -19.48
CA LYS B 221 -1.31 28.90 -18.37
C LYS B 221 -1.11 30.41 -18.12
N ALA B 222 -0.08 31.00 -18.72
CA ALA B 222 0.10 32.43 -18.56
C ALA B 222 -0.79 33.07 -19.62
N LEU B 223 -0.62 32.66 -20.88
CA LEU B 223 -1.42 33.22 -21.95
C LEU B 223 -2.95 33.10 -21.68
N GLU B 224 -3.40 32.10 -20.92
CA GLU B 224 -4.83 32.01 -20.66
C GLU B 224 -5.29 33.25 -19.93
N LEU B 225 -4.39 33.84 -19.14
CA LEU B 225 -4.69 35.04 -18.37
C LEU B 225 -4.35 36.36 -19.09
N ASP B 226 -3.56 36.29 -20.17
CA ASP B 226 -3.19 37.49 -20.95
C ASP B 226 -2.55 36.98 -22.22
N SER B 227 -3.38 36.75 -23.24
CA SER B 227 -2.90 36.16 -24.48
C SER B 227 -1.94 36.97 -25.35
N ASN B 228 -1.57 38.16 -24.93
CA ASN B 228 -0.63 38.92 -25.73
C ASN B 228 0.70 39.10 -25.00
N ASN B 229 0.80 38.46 -23.82
CA ASN B 229 1.99 38.53 -22.98
C ASN B 229 3.28 38.29 -23.74
N GLU B 230 4.06 39.36 -23.94
CA GLU B 230 5.32 39.23 -24.66
C GLU B 230 6.22 38.13 -24.10
N LYS B 231 6.44 38.11 -22.78
CA LYS B 231 7.30 37.08 -22.19
C LYS B 231 6.71 35.69 -22.39
N GLY B 232 5.43 35.55 -22.10
CA GLY B 232 4.82 34.24 -22.24
C GLY B 232 4.99 33.64 -23.63
N LEU B 233 4.76 34.47 -24.66
CA LEU B 233 4.85 34.02 -26.03
C LEU B 233 6.29 33.68 -26.40
N SER B 234 7.22 34.53 -25.95
CA SER B 234 8.63 34.32 -26.26
C SER B 234 9.15 33.03 -25.66
N ARG B 235 8.96 32.88 -24.36
CA ARG B 235 9.46 31.69 -23.70
C ARG B 235 8.91 30.42 -24.30
N ARG B 236 7.60 30.38 -24.59
CA ARG B 236 7.06 29.18 -25.19
C ARG B 236 7.70 29.04 -26.56
N GLY B 237 8.20 30.17 -27.07
CA GLY B 237 8.85 30.14 -28.37
C GLY B 237 10.22 29.48 -28.23
N GLU B 238 10.98 29.91 -27.21
CA GLU B 238 12.30 29.34 -26.97
C GLU B 238 12.20 27.82 -26.75
N ALA B 239 11.25 27.37 -25.92
CA ALA B 239 11.05 25.94 -25.66
C ALA B 239 10.67 25.16 -26.93
N HIS B 240 9.64 25.62 -27.65
CA HIS B 240 9.27 24.93 -28.88
C HIS B 240 10.52 24.83 -29.74
N LEU B 241 11.22 25.95 -29.86
CA LEU B 241 12.45 26.02 -30.66
C LEU B 241 13.56 25.11 -30.11
N ALA B 242 13.58 24.97 -28.78
CA ALA B 242 14.56 24.15 -28.05
C ALA B 242 14.50 22.68 -28.39
N VAL B 243 13.29 22.15 -28.47
CA VAL B 243 13.11 20.74 -28.74
C VAL B 243 12.97 20.47 -30.25
N ASN B 244 13.32 21.47 -31.05
CA ASN B 244 13.27 21.37 -32.53
C ASN B 244 11.86 21.31 -33.10
N ASP B 245 11.03 22.26 -32.67
CA ASP B 245 9.65 22.33 -33.16
C ASP B 245 9.49 23.62 -33.96
N PHE B 246 10.46 23.81 -34.85
CA PHE B 246 10.58 24.94 -35.74
C PHE B 246 9.26 25.58 -36.12
N GLU B 247 8.33 24.75 -36.60
CA GLU B 247 7.02 25.21 -37.03
C GLU B 247 6.34 26.00 -35.93
N LEU B 248 6.11 25.33 -34.81
CA LEU B 248 5.41 25.95 -33.69
C LEU B 248 6.11 27.18 -33.14
N ALA B 249 7.45 27.15 -33.09
CA ALA B 249 8.24 28.27 -32.57
C ALA B 249 8.18 29.49 -33.47
N ARG B 250 8.19 29.23 -34.78
CA ARG B 250 8.09 30.29 -35.78
C ARG B 250 6.77 31.03 -35.46
N ALA B 251 5.71 30.27 -35.27
CA ALA B 251 4.40 30.86 -34.97
C ALA B 251 4.52 31.83 -33.79
N ASP B 252 5.10 31.39 -32.66
CA ASP B 252 5.21 32.28 -31.51
C ASP B 252 6.11 33.46 -31.80
N PHE B 253 7.23 33.22 -32.44
CA PHE B 253 8.09 34.34 -32.79
C PHE B 253 7.46 35.26 -33.86
N GLN B 254 6.56 34.74 -34.70
CA GLN B 254 5.92 35.63 -35.67
C GLN B 254 5.00 36.53 -34.85
N LYS B 255 4.26 35.94 -33.90
CA LYS B 255 3.29 36.69 -33.11
C LYS B 255 3.97 37.70 -32.20
N VAL B 256 4.98 37.26 -31.45
CA VAL B 256 5.68 38.20 -30.57
C VAL B 256 6.11 39.45 -31.33
N LEU B 257 6.55 39.28 -32.57
CA LEU B 257 6.96 40.41 -33.39
C LEU B 257 5.80 41.29 -33.87
N GLN B 258 4.67 40.71 -34.34
CA GLN B 258 3.58 41.59 -34.78
C GLN B 258 3.10 42.47 -33.63
N LEU B 259 3.10 41.93 -32.41
CA LEU B 259 2.64 42.68 -31.24
C LEU B 259 3.70 43.60 -30.70
N TYR B 260 4.97 43.23 -30.92
CA TYR B 260 6.11 43.98 -30.41
C TYR B 260 7.17 43.93 -31.47
N PRO B 261 7.05 44.80 -32.49
CA PRO B 261 8.00 44.84 -33.61
C PRO B 261 9.47 44.97 -33.25
N ASN B 262 9.78 45.55 -32.09
CA ASN B 262 11.17 45.74 -31.71
C ASN B 262 11.78 44.70 -30.82
N ASN B 263 11.32 43.46 -30.94
CA ASN B 263 11.87 42.42 -30.09
C ASN B 263 13.00 41.68 -30.79
N LYS B 264 14.22 42.02 -30.40
CA LYS B 264 15.44 41.46 -30.96
C LYS B 264 15.55 39.93 -30.90
N ALA B 265 15.47 39.37 -29.70
CA ALA B 265 15.57 37.92 -29.61
C ALA B 265 14.54 37.32 -30.59
N ALA B 266 13.40 37.97 -30.69
CA ALA B 266 12.35 37.48 -31.56
C ALA B 266 12.88 37.41 -32.96
N LYS B 267 13.23 38.57 -33.52
CA LYS B 267 13.73 38.63 -34.89
C LYS B 267 14.82 37.56 -35.10
N THR B 268 15.79 37.50 -34.17
CA THR B 268 16.86 36.50 -34.23
C THR B 268 16.26 35.08 -34.33
N GLN B 269 15.61 34.67 -33.25
CA GLN B 269 15.02 33.35 -33.19
C GLN B 269 14.15 33.09 -34.39
N LEU B 270 13.37 34.09 -34.77
CA LEU B 270 12.48 33.90 -35.90
C LEU B 270 13.32 33.60 -37.11
N ALA B 271 14.57 34.04 -37.11
CA ALA B 271 15.41 33.80 -38.29
C ALA B 271 15.92 32.39 -38.30
N VAL B 272 16.28 31.92 -37.11
CA VAL B 272 16.81 30.56 -36.94
C VAL B 272 15.81 29.51 -37.41
N CYS B 273 14.54 29.69 -37.05
CA CYS B 273 13.53 28.74 -37.46
C CYS B 273 13.43 28.83 -38.97
N GLN B 274 13.23 30.04 -39.45
CA GLN B 274 13.08 30.23 -40.87
C GLN B 274 14.15 29.41 -41.59
N GLN B 275 15.33 29.36 -41.00
CA GLN B 275 16.44 28.62 -41.60
C GLN B 275 16.41 27.11 -41.40
N ARG B 276 16.23 26.67 -40.16
CA ARG B 276 16.20 25.26 -39.88
C ARG B 276 15.06 24.58 -40.61
N ILE B 277 13.98 25.34 -40.84
CA ILE B 277 12.80 24.83 -41.54
C ILE B 277 13.13 24.75 -43.02
N ARG B 278 13.90 25.72 -43.48
CA ARG B 278 14.29 25.82 -44.89
C ARG B 278 15.20 24.67 -45.31
N ARG B 279 16.07 24.26 -44.38
CA ARG B 279 17.01 23.18 -44.63
C ARG B 279 16.28 21.86 -44.47
N GLN B 280 15.46 21.76 -43.43
CA GLN B 280 14.68 20.56 -43.18
C GLN B 280 13.95 20.14 -44.49
N LEU B 281 13.32 21.10 -45.16
CA LEU B 281 12.58 20.87 -46.40
C LEU B 281 13.46 20.44 -47.56
N ALA B 282 14.59 21.10 -47.73
CA ALA B 282 15.51 20.76 -48.83
C ALA B 282 15.88 19.31 -48.64
N ARG B 283 16.07 18.93 -47.39
CA ARG B 283 16.43 17.57 -47.00
C ARG B 283 15.31 16.59 -47.35
N GLU B 284 14.07 16.98 -47.03
CA GLU B 284 12.95 16.11 -47.31
C GLU B 284 12.67 16.01 -48.81
N LYS B 285 12.66 17.14 -49.50
CA LYS B 285 12.41 17.10 -50.94
C LYS B 285 13.30 16.07 -51.62
N LYS B 286 14.59 16.10 -51.29
CA LYS B 286 15.56 15.17 -51.90
C LYS B 286 15.22 13.72 -51.59
N LEU B 287 14.73 13.47 -50.36
CA LEU B 287 14.34 12.11 -49.95
C LEU B 287 13.36 11.56 -50.97
N TYR B 288 12.25 12.28 -51.13
CA TYR B 288 11.22 11.85 -52.07
C TYR B 288 11.74 11.75 -53.53
N ALA B 289 12.60 12.68 -53.90
CA ALA B 289 13.14 12.62 -55.27
C ALA B 289 13.73 11.22 -55.48
N ASN B 290 14.49 10.78 -54.48
CA ASN B 290 15.16 9.50 -54.52
C ASN B 290 14.27 8.27 -54.44
N MET B 291 13.32 8.26 -53.51
CA MET B 291 12.44 7.11 -53.39
C MET B 291 11.69 7.04 -54.70
N PHE B 292 11.44 8.21 -55.28
CA PHE B 292 10.75 8.23 -56.55
C PHE B 292 11.60 7.44 -57.55
N GLU B 293 12.83 7.90 -57.79
CA GLU B 293 13.68 7.20 -58.73
C GLU B 293 13.74 5.74 -58.41
N ARG B 294 13.99 5.39 -57.16
CA ARG B 294 14.06 3.97 -56.82
C ARG B 294 12.76 3.28 -57.23
N LEU B 295 11.61 3.80 -56.82
CA LEU B 295 10.33 3.21 -57.22
C LEU B 295 10.22 3.07 -58.77
N ALA B 296 10.79 4.02 -59.52
CA ALA B 296 10.73 3.91 -60.97
C ALA B 296 11.59 2.75 -61.48
N GLU B 297 12.85 2.66 -61.02
CA GLU B 297 13.74 1.59 -61.47
C GLU B 297 13.19 0.20 -61.13
N GLU B 298 12.38 0.09 -60.08
CA GLU B 298 11.80 -1.20 -59.72
C GLU B 298 10.63 -1.46 -60.63
N GLU B 299 10.07 -0.38 -61.19
CA GLU B 299 8.95 -0.52 -62.11
C GLU B 299 9.41 -1.15 -63.43
N ASN B 300 10.71 -1.01 -63.74
CA ASN B 300 11.27 -1.60 -64.94
C ASN B 300 11.68 -3.03 -64.66
N LYS B 301 12.26 -3.28 -63.48
CA LYS B 301 12.63 -4.65 -63.11
C LYS B 301 11.33 -5.48 -63.09
N ALA B 302 10.21 -4.77 -63.04
CA ALA B 302 8.89 -5.41 -63.01
C ALA B 302 8.20 -5.40 -64.38
N LYS B 303 8.98 -5.57 -65.44
CA LYS B 303 8.45 -5.64 -66.80
C LYS B 303 9.04 -6.91 -67.42
N ALA B 304 9.88 -7.58 -66.62
CA ALA B 304 10.52 -8.82 -67.02
C ALA B 304 9.44 -9.90 -67.15
N GLU C 22 -15.85 10.16 -11.51
CA GLU C 22 -16.93 11.10 -11.96
C GLU C 22 -16.34 12.49 -12.05
N GLU C 23 -17.21 13.50 -11.90
CA GLU C 23 -16.81 14.90 -11.98
C GLU C 23 -16.78 15.18 -13.49
N ASP C 24 -17.60 14.42 -14.22
CA ASP C 24 -17.71 14.53 -15.68
C ASP C 24 -19.07 14.05 -16.20
N GLY C 25 -20.10 14.85 -15.96
CA GLY C 25 -21.43 14.52 -16.43
C GLY C 25 -21.84 13.06 -16.50
N GLY C 26 -21.98 12.45 -15.34
CA GLY C 26 -22.40 11.05 -15.29
C GLY C 26 -23.80 10.99 -14.70
N ILE C 27 -24.02 11.81 -13.68
CA ILE C 27 -25.32 11.86 -13.02
C ILE C 27 -25.72 13.33 -12.91
N ILE C 28 -26.56 13.79 -13.82
CA ILE C 28 -27.03 15.16 -13.79
C ILE C 28 -28.48 15.12 -13.33
N ARG C 29 -28.82 15.97 -12.36
CA ARG C 29 -30.18 16.02 -11.81
C ARG C 29 -30.90 17.34 -12.12
N ARG C 30 -32.14 17.23 -12.60
CA ARG C 30 -32.96 18.40 -12.94
C ARG C 30 -34.16 18.58 -12.00
N ILE C 31 -34.04 19.51 -11.06
CA ILE C 31 -35.10 19.79 -10.09
C ILE C 31 -36.44 20.20 -10.66
N GLN C 32 -37.47 19.39 -10.42
CA GLN C 32 -38.80 19.69 -10.91
C GLN C 32 -39.63 20.41 -9.83
N THR C 33 -39.17 20.32 -8.58
CA THR C 33 -39.84 20.96 -7.44
C THR C 33 -38.81 21.03 -6.31
N ARG C 34 -38.41 22.24 -5.91
CA ARG C 34 -37.39 22.42 -4.86
C ARG C 34 -37.67 21.73 -3.51
N GLY C 35 -36.59 21.49 -2.76
CA GLY C 35 -36.70 20.82 -1.47
C GLY C 35 -37.10 21.74 -0.34
N GLU C 36 -36.53 21.51 0.85
CA GLU C 36 -36.86 22.33 2.00
C GLU C 36 -36.19 21.83 3.26
N GLY C 37 -34.89 22.06 3.38
CA GLY C 37 -34.20 21.62 4.57
C GLY C 37 -32.70 21.57 4.46
N TYR C 38 -32.19 21.84 3.25
CA TYR C 38 -30.75 21.80 2.98
C TYR C 38 -30.11 20.60 3.67
N ALA C 39 -30.95 19.64 4.07
CA ALA C 39 -30.50 18.41 4.74
C ALA C 39 -30.39 17.39 3.63
N LYS C 40 -29.27 16.67 3.59
CA LYS C 40 -29.06 15.67 2.54
C LYS C 40 -28.70 14.29 3.08
N PRO C 41 -29.38 13.24 2.58
CA PRO C 41 -29.13 11.86 3.02
C PRO C 41 -27.64 11.52 2.90
N ASN C 42 -27.13 10.70 3.81
CA ASN C 42 -25.72 10.29 3.79
C ASN C 42 -25.71 8.78 3.53
N GLU C 43 -24.55 8.19 3.32
CA GLU C 43 -24.53 6.75 3.06
C GLU C 43 -25.25 6.06 4.23
N GLY C 44 -25.79 4.87 4.01
CA GLY C 44 -26.47 4.16 5.08
C GLY C 44 -27.74 4.79 5.65
N ALA C 45 -28.21 5.87 5.05
CA ALA C 45 -29.41 6.52 5.55
C ALA C 45 -30.71 5.84 5.04
N ILE C 46 -31.78 5.91 5.82
CA ILE C 46 -33.05 5.31 5.37
C ILE C 46 -33.88 6.32 4.60
N VAL C 47 -33.81 6.29 3.27
CA VAL C 47 -34.61 7.24 2.50
C VAL C 47 -35.88 6.58 2.04
N GLU C 48 -36.88 7.40 1.79
CA GLU C 48 -38.17 6.92 1.32
C GLU C 48 -38.39 7.67 0.03
N VAL C 49 -38.54 6.93 -1.07
CA VAL C 49 -38.68 7.56 -2.36
C VAL C 49 -39.74 6.96 -3.27
N ALA C 50 -40.15 7.75 -4.25
CA ALA C 50 -41.14 7.32 -5.23
C ALA C 50 -40.44 7.54 -6.58
N LEU C 51 -40.28 6.48 -7.37
CA LEU C 51 -39.57 6.69 -8.59
C LEU C 51 -40.12 6.04 -9.84
N GLU C 52 -39.55 6.48 -10.96
CA GLU C 52 -39.90 5.99 -12.29
C GLU C 52 -38.63 5.91 -13.12
N GLY C 53 -38.41 4.73 -13.70
CA GLY C 53 -37.25 4.52 -14.53
C GLY C 53 -37.66 4.47 -16.00
N TYR C 54 -36.88 5.16 -16.83
CA TYR C 54 -37.13 5.23 -18.26
C TYR C 54 -35.89 4.94 -19.09
N TYR C 55 -36.03 3.96 -19.98
CA TYR C 55 -34.98 3.60 -20.93
C TYR C 55 -35.54 4.02 -22.26
N LYS C 56 -34.77 4.84 -23.00
CA LYS C 56 -35.23 5.34 -24.30
C LYS C 56 -36.69 5.69 -24.15
N ASP C 57 -36.96 6.48 -23.12
CA ASP C 57 -38.29 6.99 -22.78
C ASP C 57 -39.43 6.01 -22.52
N LYS C 58 -39.11 4.73 -22.39
CA LYS C 58 -40.11 3.71 -22.09
C LYS C 58 -40.03 3.40 -20.57
N LEU C 59 -41.20 3.28 -19.94
CA LEU C 59 -41.28 2.98 -18.50
C LEU C 59 -40.89 1.53 -18.25
N PHE C 60 -39.95 1.29 -17.33
CA PHE C 60 -39.53 -0.07 -17.02
C PHE C 60 -39.53 -0.41 -15.54
N ASP C 61 -39.65 0.63 -14.72
CA ASP C 61 -39.66 0.47 -13.26
C ASP C 61 -40.46 1.59 -12.60
N GLN C 62 -41.54 1.24 -11.93
CA GLN C 62 -42.30 2.25 -11.20
C GLN C 62 -42.49 1.67 -9.81
N ARG C 63 -42.06 2.43 -8.79
CA ARG C 63 -42.17 1.99 -7.41
C ARG C 63 -42.02 3.11 -6.42
N GLU C 64 -42.67 2.92 -5.27
CA GLU C 64 -42.64 3.82 -4.10
C GLU C 64 -42.07 2.85 -3.10
N LEU C 65 -40.86 3.09 -2.65
CA LEU C 65 -40.31 2.18 -1.68
C LEU C 65 -39.54 2.93 -0.63
N ARG C 66 -38.92 2.16 0.26
CA ARG C 66 -38.14 2.75 1.30
C ARG C 66 -36.93 1.83 1.42
N PHE C 67 -35.74 2.40 1.29
CA PHE C 67 -34.53 1.59 1.41
C PHE C 67 -33.38 2.37 2.08
N GLU C 68 -32.33 1.65 2.45
CA GLU C 68 -31.19 2.23 3.11
C GLU C 68 -30.14 2.48 2.05
N ILE C 69 -29.64 3.71 1.97
CA ILE C 69 -28.65 4.05 0.96
C ILE C 69 -27.44 3.13 1.08
N GLY C 70 -27.31 2.23 0.10
CA GLY C 70 -26.20 1.29 0.10
C GLY C 70 -26.68 -0.07 -0.33
N GLU C 71 -27.99 -0.27 -0.30
CA GLU C 71 -28.46 -1.58 -0.69
C GLU C 71 -29.20 -1.50 -2.00
N GLY C 72 -29.19 -0.32 -2.60
CA GLY C 72 -29.90 -0.11 -3.86
C GLY C 72 -29.58 -1.16 -4.92
N GLU C 73 -28.35 -1.65 -4.93
CA GLU C 73 -27.98 -2.63 -5.93
C GLU C 73 -28.71 -3.96 -5.74
N ASN C 74 -29.26 -4.15 -4.56
CA ASN C 74 -29.96 -5.39 -4.25
C ASN C 74 -31.47 -5.19 -4.46
N LEU C 75 -31.86 -3.97 -4.77
CA LEU C 75 -33.26 -3.64 -5.04
C LEU C 75 -33.38 -3.17 -6.49
N ASP C 76 -32.45 -3.63 -7.34
CA ASP C 76 -32.40 -3.27 -8.75
C ASP C 76 -32.31 -1.77 -9.02
N LEU C 77 -31.53 -1.07 -8.20
CA LEU C 77 -31.34 0.36 -8.38
C LEU C 77 -29.90 0.64 -8.80
N PRO C 78 -29.71 1.37 -9.93
CA PRO C 78 -28.36 1.69 -10.40
C PRO C 78 -27.71 2.52 -9.30
N TYR C 79 -26.39 2.43 -9.09
CA TYR C 79 -25.83 3.26 -8.01
C TYR C 79 -25.75 4.74 -8.42
N GLY C 80 -26.08 5.03 -9.67
CA GLY C 80 -26.05 6.41 -10.08
C GLY C 80 -27.18 7.06 -9.31
N LEU C 81 -28.34 6.41 -9.42
CA LEU C 81 -29.56 6.83 -8.77
C LEU C 81 -29.34 6.97 -7.27
N GLU C 82 -28.53 6.07 -6.69
CA GLU C 82 -28.24 6.18 -5.27
C GLU C 82 -27.41 7.43 -5.05
N ARG C 83 -26.31 7.57 -5.79
CA ARG C 83 -25.43 8.76 -5.68
C ARG C 83 -26.26 10.03 -5.78
N ALA C 84 -27.14 10.11 -6.78
CA ALA C 84 -28.02 11.27 -6.96
C ALA C 84 -28.87 11.53 -5.75
N ILE C 85 -29.58 10.51 -5.30
CA ILE C 85 -30.47 10.63 -4.16
C ILE C 85 -29.76 11.24 -2.94
N GLN C 86 -28.46 10.96 -2.81
CA GLN C 86 -27.65 11.46 -1.69
C GLN C 86 -27.44 12.98 -1.78
N ARG C 87 -28.03 13.60 -2.79
CA ARG C 87 -27.87 15.04 -2.99
C ARG C 87 -29.16 15.83 -2.82
N GLU C 89 -33.03 16.97 -1.06
CA GLU C 89 -33.54 17.46 0.24
C GLU C 89 -35.02 17.04 0.35
N LYS C 90 -35.51 16.88 1.58
CA LYS C 90 -36.90 16.46 1.81
C LYS C 90 -37.91 17.01 0.80
N GLY C 91 -38.95 16.22 0.51
CA GLY C 91 -39.99 16.62 -0.41
C GLY C 91 -39.58 17.12 -1.78
N GLU C 92 -38.35 16.86 -2.18
CA GLU C 92 -37.90 17.33 -3.48
C GLU C 92 -38.20 16.47 -4.68
N HIS C 93 -39.17 16.88 -5.48
CA HIS C 93 -39.45 16.13 -6.70
C HIS C 93 -38.23 16.45 -7.55
N SER C 94 -37.86 15.55 -8.46
CA SER C 94 -36.67 15.77 -9.27
C SER C 94 -36.53 14.72 -10.36
N ILE C 95 -35.62 14.96 -11.30
CA ILE C 95 -35.35 14.04 -12.43
C ILE C 95 -33.83 13.80 -12.59
N VAL C 96 -33.45 12.52 -12.70
CA VAL C 96 -32.04 12.16 -12.84
C VAL C 96 -31.73 11.50 -14.17
N TYR C 97 -30.61 11.94 -14.75
CA TYR C 97 -30.14 11.40 -16.00
C TYR C 97 -28.90 10.57 -15.70
N LEU C 98 -28.89 9.32 -16.18
CA LEU C 98 -27.77 8.44 -15.90
C LEU C 98 -27.08 7.89 -17.14
N LYS C 99 -25.74 7.93 -17.07
CA LYS C 99 -24.85 7.45 -18.13
C LYS C 99 -24.40 6.00 -17.81
N PRO C 100 -24.45 5.10 -18.81
CA PRO C 100 -24.06 3.70 -18.62
C PRO C 100 -23.29 3.30 -17.37
N SER C 101 -22.04 3.71 -17.25
CA SER C 101 -21.25 3.33 -16.08
C SER C 101 -21.79 3.82 -14.74
N TYR C 102 -22.93 4.53 -14.78
CA TYR C 102 -23.59 5.05 -13.58
C TYR C 102 -24.99 4.43 -13.44
N ALA C 103 -25.48 3.89 -14.55
CA ALA C 103 -26.76 3.19 -14.53
C ALA C 103 -26.30 1.76 -14.29
N PHE C 104 -26.61 0.86 -15.23
CA PHE C 104 -26.19 -0.54 -15.10
C PHE C 104 -24.83 -0.73 -15.77
N GLY C 105 -24.73 -0.37 -17.06
CA GLY C 105 -23.46 -0.45 -17.74
C GLY C 105 -23.03 -1.68 -18.51
N SER C 106 -21.93 -2.26 -18.07
CA SER C 106 -21.34 -3.45 -18.70
C SER C 106 -22.27 -4.67 -18.85
N VAL C 107 -23.33 -4.73 -18.04
CA VAL C 107 -24.26 -5.87 -18.07
C VAL C 107 -25.73 -5.57 -18.36
N GLY C 108 -26.20 -4.39 -17.93
CA GLY C 108 -27.59 -4.03 -18.14
C GLY C 108 -28.49 -4.65 -17.08
N LYS C 109 -29.78 -4.78 -17.40
CA LYS C 109 -30.74 -5.36 -16.46
C LYS C 109 -31.72 -6.18 -17.28
N GLU C 110 -31.61 -7.50 -17.21
CA GLU C 110 -32.50 -8.33 -18.01
C GLU C 110 -33.95 -8.36 -17.50
N LYS C 111 -34.15 -8.31 -16.20
CA LYS C 111 -35.51 -8.34 -15.67
C LYS C 111 -36.27 -7.07 -16.08
N PHE C 112 -35.50 -6.11 -16.58
CA PHE C 112 -36.02 -4.84 -17.05
C PHE C 112 -35.71 -4.72 -18.53
N GLN C 113 -35.25 -5.82 -19.14
CA GLN C 113 -34.87 -5.78 -20.55
C GLN C 113 -34.10 -4.48 -20.82
N ILE C 114 -32.81 -4.49 -20.49
CA ILE C 114 -31.99 -3.31 -20.69
C ILE C 114 -30.57 -3.67 -21.10
N PRO C 115 -30.25 -3.42 -22.38
CA PRO C 115 -28.95 -3.69 -23.02
C PRO C 115 -27.81 -3.02 -22.32
N PRO C 116 -26.61 -3.57 -22.45
CA PRO C 116 -25.43 -2.98 -21.81
C PRO C 116 -25.15 -1.55 -22.31
N ASN C 117 -24.46 -0.77 -21.48
CA ASN C 117 -24.11 0.61 -21.79
C ASN C 117 -25.28 1.60 -21.90
N ALA C 118 -26.51 1.12 -21.74
CA ALA C 118 -27.70 1.98 -21.84
C ALA C 118 -27.57 3.28 -21.01
N GLU C 119 -28.55 4.16 -21.20
CA GLU C 119 -28.64 5.45 -20.51
C GLU C 119 -30.08 5.62 -20.02
N LEU C 120 -30.24 6.06 -18.79
CA LEU C 120 -31.57 6.15 -18.25
C LEU C 120 -32.02 7.45 -17.63
N LYS C 121 -33.35 7.59 -17.55
CA LYS C 121 -33.98 8.76 -16.97
C LYS C 121 -34.92 8.32 -15.87
N TYR C 122 -34.71 8.85 -14.67
CA TYR C 122 -35.55 8.55 -13.52
C TYR C 122 -36.31 9.80 -13.01
N GLU C 123 -37.58 9.62 -12.65
CA GLU C 123 -38.39 10.73 -12.13
C GLU C 123 -38.62 10.50 -10.63
N LEU C 124 -37.55 10.58 -9.85
CA LEU C 124 -37.65 10.31 -8.43
C LEU C 124 -38.04 11.48 -7.55
N HIS C 125 -38.82 11.16 -6.52
CA HIS C 125 -39.32 12.12 -5.53
C HIS C 125 -38.86 11.72 -4.12
N LEU C 126 -37.97 12.50 -3.52
CA LEU C 126 -37.48 12.21 -2.17
C LEU C 126 -38.52 12.65 -1.14
N LYS C 127 -39.42 11.74 -0.76
CA LYS C 127 -40.43 12.06 0.23
C LYS C 127 -39.84 12.43 1.58
N SER C 128 -39.20 11.45 2.23
CA SER C 128 -38.61 11.69 3.55
C SER C 128 -37.35 10.87 3.71
N PHE C 129 -36.68 11.04 4.84
CA PHE C 129 -35.49 10.27 5.12
C PHE C 129 -34.95 10.45 6.53
N GLU C 130 -33.73 10.00 6.76
CA GLU C 130 -33.14 10.06 8.08
C GLU C 130 -31.67 9.64 7.96
N LYS C 131 -30.76 10.60 8.10
CA LYS C 131 -29.33 10.35 8.01
C LYS C 131 -28.95 9.21 8.95
N ALA C 132 -27.68 8.83 8.96
CA ALA C 132 -27.24 7.75 9.81
C ALA C 132 -25.94 8.07 10.55
N LYS C 133 -26.02 8.06 11.89
CA LYS C 133 -24.88 8.33 12.77
C LYS C 133 -23.56 7.99 12.07
N GLU C 134 -22.75 9.01 11.86
CA GLU C 134 -21.49 8.84 11.14
C GLU C 134 -20.48 7.92 11.79
N SER C 135 -20.56 7.76 13.11
CA SER C 135 -19.63 6.89 13.88
C SER C 135 -18.89 7.69 14.94
N TRP C 136 -18.31 8.79 14.51
CA TRP C 136 -17.65 9.66 15.45
C TRP C 136 -18.79 10.40 16.14
N GLU C 137 -19.98 10.30 15.53
CA GLU C 137 -21.17 10.95 16.04
C GLU C 137 -21.73 10.27 17.27
N ASN C 139 -21.12 8.07 21.11
CA ASN C 139 -20.23 7.74 22.24
C ASN C 139 -20.27 6.24 22.45
N SER C 140 -19.52 5.73 23.44
CA SER C 140 -19.54 4.28 23.70
C SER C 140 -20.97 3.71 23.73
N GLU C 141 -21.83 4.32 24.54
CA GLU C 141 -23.18 3.83 24.67
C GLU C 141 -23.93 3.76 23.37
N GLU C 142 -23.97 4.88 22.67
CA GLU C 142 -24.72 4.90 21.42
C GLU C 142 -24.19 3.77 20.55
N LYS C 143 -22.87 3.62 20.49
CA LYS C 143 -22.30 2.59 19.63
C LYS C 143 -22.77 1.20 19.91
N LEU C 144 -22.86 0.83 21.19
CA LEU C 144 -23.29 -0.52 21.54
C LEU C 144 -24.81 -0.60 21.36
N GLU C 145 -25.52 0.50 21.62
CA GLU C 145 -26.96 0.53 21.45
C GLU C 145 -27.22 0.19 19.97
N GLN C 146 -26.74 1.06 19.08
CA GLN C 146 -26.94 0.90 17.65
C GLN C 146 -26.46 -0.40 17.05
N SER C 147 -25.33 -0.92 17.50
CA SER C 147 -24.80 -2.18 16.95
C SER C 147 -25.73 -3.32 17.31
N THR C 148 -26.37 -3.22 18.47
CA THR C 148 -27.28 -4.28 18.87
C THR C 148 -28.50 -4.18 17.95
N ILE C 149 -28.94 -2.96 17.71
CA ILE C 149 -30.05 -2.74 16.80
C ILE C 149 -29.72 -3.26 15.39
N VAL C 150 -28.63 -2.81 14.76
CA VAL C 150 -28.43 -3.33 13.41
C VAL C 150 -28.16 -4.84 13.47
N LYS C 151 -27.68 -5.32 14.60
CA LYS C 151 -27.44 -6.74 14.66
C LYS C 151 -28.79 -7.37 14.35
N GLU C 152 -29.81 -6.72 14.89
CA GLU C 152 -31.13 -7.26 14.73
C GLU C 152 -31.61 -7.26 13.29
N ARG C 153 -31.40 -6.12 12.63
CA ARG C 153 -31.77 -5.98 11.23
C ARG C 153 -31.09 -7.12 10.49
N GLY C 154 -29.85 -7.40 10.89
CA GLY C 154 -29.12 -8.48 10.24
C GLY C 154 -30.05 -9.66 10.22
N THR C 155 -30.46 -10.06 11.42
CA THR C 155 -31.38 -11.17 11.62
C THR C 155 -32.47 -11.29 10.56
N VAL C 156 -33.21 -10.22 10.31
CA VAL C 156 -34.30 -10.32 9.36
C VAL C 156 -33.87 -10.48 7.93
N TYR C 157 -32.98 -9.61 7.45
CA TYR C 157 -32.53 -9.73 6.05
C TYR C 157 -32.06 -11.19 5.84
N PHE C 158 -31.46 -11.77 6.87
CA PHE C 158 -31.04 -13.13 6.72
C PHE C 158 -32.26 -14.09 6.74
N LYS C 159 -33.17 -13.90 7.70
CA LYS C 159 -34.36 -14.77 7.79
C LYS C 159 -35.05 -14.87 6.41
N GLU C 160 -35.19 -13.72 5.74
CA GLU C 160 -35.84 -13.57 4.43
C GLU C 160 -34.92 -13.93 3.26
N GLY C 161 -33.76 -14.53 3.50
CA GLY C 161 -32.92 -14.85 2.35
C GLY C 161 -32.23 -13.68 1.62
N LYS C 162 -32.31 -12.45 2.15
CA LYS C 162 -31.63 -11.30 1.55
C LYS C 162 -30.20 -11.24 2.15
N TYR C 163 -29.37 -12.24 1.86
CA TYR C 163 -28.03 -12.27 2.43
C TYR C 163 -27.12 -11.06 2.21
N LYS C 164 -27.01 -10.58 0.97
CA LYS C 164 -26.13 -9.42 0.72
C LYS C 164 -26.55 -8.29 1.66
N GLN C 165 -27.86 -8.12 1.81
CA GLN C 165 -28.38 -7.09 2.67
C GLN C 165 -28.01 -7.43 4.09
N ALA C 166 -27.92 -8.72 4.43
CA ALA C 166 -27.52 -9.04 5.81
C ALA C 166 -26.10 -8.54 6.05
N LEU C 167 -25.23 -8.72 5.04
CA LEU C 167 -23.82 -8.32 5.12
C LEU C 167 -23.58 -6.85 5.44
N LEU C 168 -24.30 -5.95 4.74
CA LEU C 168 -24.13 -4.52 5.00
C LEU C 168 -24.36 -4.19 6.48
N GLN C 169 -25.32 -4.87 7.10
CA GLN C 169 -25.65 -4.64 8.51
C GLN C 169 -24.53 -5.06 9.41
N TYR C 170 -24.11 -6.31 9.29
CA TYR C 170 -23.07 -6.77 10.19
C TYR C 170 -21.80 -5.99 9.94
N LYS C 171 -21.43 -5.84 8.67
CA LYS C 171 -20.21 -5.09 8.42
C LYS C 171 -20.30 -3.80 9.25
N LYS C 172 -21.44 -3.12 9.21
CA LYS C 172 -21.59 -1.88 9.98
C LYS C 172 -21.08 -2.11 11.43
N ILE C 173 -21.56 -3.17 12.07
CA ILE C 173 -21.17 -3.42 13.47
C ILE C 173 -19.66 -3.45 13.63
N VAL C 174 -19.02 -4.36 12.92
CA VAL C 174 -17.56 -4.47 12.96
C VAL C 174 -16.89 -3.11 12.72
N SER C 175 -17.42 -2.33 11.79
CA SER C 175 -16.83 -1.03 11.52
C SER C 175 -16.92 -0.09 12.72
N TRP C 176 -18.13 0.10 13.24
CA TRP C 176 -18.35 0.99 14.37
C TRP C 176 -17.51 0.72 15.62
N LEU C 177 -17.32 -0.57 15.89
CA LEU C 177 -16.56 -1.00 17.06
C LEU C 177 -15.14 -1.41 16.59
N GLU C 178 -14.49 -0.57 15.80
CA GLU C 178 -13.16 -0.92 15.30
C GLU C 178 -12.02 -0.18 15.96
N TYR C 179 -12.12 1.13 16.05
CA TYR C 179 -11.07 1.92 16.69
C TYR C 179 -11.54 2.41 18.04
N GLU C 180 -12.86 2.52 18.19
CA GLU C 180 -13.44 2.97 19.44
C GLU C 180 -13.06 2.02 20.55
N SER C 181 -12.32 2.52 21.54
CA SER C 181 -11.92 1.70 22.68
C SER C 181 -12.07 2.47 24.00
N SER C 182 -12.79 3.61 23.93
CA SER C 182 -13.03 4.42 25.12
C SER C 182 -13.78 3.54 26.10
N PHE C 183 -14.16 2.37 25.62
CA PHE C 183 -14.91 1.38 26.40
C PHE C 183 -14.46 1.23 27.85
N SER C 184 -15.25 0.53 28.62
CA SER C 184 -14.96 0.38 30.02
C SER C 184 -14.99 -1.04 30.56
N ASN C 185 -14.23 -1.93 29.94
CA ASN C 185 -14.14 -3.32 30.41
C ASN C 185 -15.46 -4.05 30.38
N GLU C 186 -16.48 -3.50 31.04
CA GLU C 186 -17.81 -4.12 31.02
C GLU C 186 -18.34 -3.85 29.59
N GLU C 187 -18.22 -2.60 29.16
CA GLU C 187 -18.65 -2.26 27.84
C GLU C 187 -17.78 -3.06 26.88
N ALA C 188 -16.47 -2.97 27.07
CA ALA C 188 -15.53 -3.67 26.21
C ALA C 188 -15.88 -5.14 26.14
N GLN C 189 -16.39 -5.70 27.23
CA GLN C 189 -16.77 -7.09 27.14
C GLN C 189 -17.93 -7.27 26.15
N LYS C 190 -18.90 -6.37 26.16
CA LYS C 190 -20.02 -6.44 25.26
C LYS C 190 -19.56 -6.18 23.82
N ALA C 191 -18.74 -5.16 23.60
CA ALA C 191 -18.28 -4.87 22.24
C ALA C 191 -17.57 -6.14 21.68
N GLN C 192 -16.87 -6.84 22.57
CA GLN C 192 -16.19 -8.07 22.21
C GLN C 192 -17.24 -9.03 21.66
N ALA C 193 -18.26 -9.31 22.47
CA ALA C 193 -19.33 -10.22 22.07
C ALA C 193 -20.01 -9.84 20.77
N LEU C 194 -20.24 -8.53 20.56
CA LEU C 194 -20.87 -8.07 19.34
C LEU C 194 -19.97 -8.40 18.16
N ARG C 195 -18.71 -7.95 18.23
CA ARG C 195 -17.77 -8.22 17.14
C ARG C 195 -17.79 -9.73 16.88
N LEU C 196 -17.69 -10.54 17.92
CA LEU C 196 -17.71 -11.99 17.72
C LEU C 196 -18.99 -12.42 17.00
N ALA C 197 -20.14 -11.97 17.48
CA ALA C 197 -21.40 -12.35 16.83
C ALA C 197 -21.50 -11.80 15.39
N SER C 198 -20.89 -10.65 15.14
CA SER C 198 -20.88 -10.07 13.80
C SER C 198 -20.02 -10.95 12.87
N HIS C 199 -18.87 -11.42 13.37
CA HIS C 199 -18.06 -12.24 12.50
C HIS C 199 -18.65 -13.60 12.26
N LEU C 200 -19.32 -14.18 13.27
CA LEU C 200 -19.95 -15.50 13.04
C LEU C 200 -21.13 -15.38 12.06
N ASN C 201 -21.88 -14.27 12.07
CA ASN C 201 -23.01 -14.17 11.12
C ASN C 201 -22.57 -13.94 9.64
N LEU C 202 -21.54 -13.11 9.47
CA LEU C 202 -21.02 -12.89 8.13
C LEU C 202 -20.63 -14.31 7.60
N ALA C 203 -19.96 -15.11 8.43
CA ALA C 203 -19.58 -16.44 7.99
C ALA C 203 -20.83 -17.19 7.47
N MET C 204 -21.96 -16.98 8.14
CA MET C 204 -23.20 -17.66 7.79
C MET C 204 -23.67 -17.12 6.43
N CYS C 205 -23.76 -15.80 6.32
CA CYS C 205 -24.20 -15.23 5.05
C CYS C 205 -23.26 -15.58 3.88
N HIS C 206 -21.94 -15.54 4.08
CA HIS C 206 -21.04 -15.85 2.99
C HIS C 206 -21.28 -17.31 2.58
N LEU C 207 -21.48 -18.16 3.57
CA LEU C 207 -21.71 -19.57 3.29
C LEU C 207 -23.00 -19.75 2.52
N LYS C 208 -24.06 -19.04 2.90
CA LYS C 208 -25.30 -19.24 2.16
C LYS C 208 -25.17 -18.60 0.78
N LEU C 209 -24.14 -17.78 0.62
CA LEU C 209 -23.86 -17.08 -0.62
C LEU C 209 -22.77 -17.85 -1.37
N GLN C 210 -22.25 -18.86 -0.69
CA GLN C 210 -21.20 -19.70 -1.25
C GLN C 210 -20.00 -18.89 -1.63
N ALA C 211 -19.58 -18.04 -0.70
CA ALA C 211 -18.39 -17.19 -0.83
C ALA C 211 -17.54 -17.86 0.25
N PHE C 212 -17.12 -19.08 -0.04
CA PHE C 212 -16.36 -19.83 0.93
C PHE C 212 -15.07 -19.25 1.50
N SER C 213 -14.37 -18.38 0.78
CA SER C 213 -13.14 -17.81 1.34
C SER C 213 -13.53 -16.77 2.33
N ALA C 214 -14.54 -15.98 1.96
CA ALA C 214 -15.04 -14.95 2.87
C ALA C 214 -15.48 -15.70 4.15
N ALA C 215 -16.29 -16.75 3.99
CA ALA C 215 -16.74 -17.49 5.18
C ALA C 215 -15.50 -17.82 6.04
N ILE C 216 -14.43 -18.31 5.40
CA ILE C 216 -13.23 -18.63 6.16
C ILE C 216 -12.55 -17.42 6.82
N GLU C 217 -12.44 -16.32 6.09
CA GLU C 217 -11.78 -15.19 6.74
C GLU C 217 -12.60 -14.80 7.93
N SER C 218 -13.92 -14.71 7.71
CA SER C 218 -14.85 -14.33 8.77
C SER C 218 -14.72 -15.27 9.95
N CYS C 219 -14.67 -16.59 9.71
CA CYS C 219 -14.51 -17.51 10.84
C CYS C 219 -13.20 -17.20 11.59
N ASN C 220 -12.14 -16.95 10.82
CA ASN C 220 -10.86 -16.65 11.43
C ASN C 220 -10.98 -15.43 12.31
N LYS C 221 -11.59 -14.33 11.81
CA LYS C 221 -11.71 -13.16 12.69
C LYS C 221 -12.49 -13.50 13.98
N ALA C 222 -13.43 -14.43 13.90
CA ALA C 222 -14.21 -14.82 15.08
C ALA C 222 -13.35 -15.63 16.08
N LEU C 223 -12.68 -16.64 15.54
CA LEU C 223 -11.87 -17.47 16.38
C LEU C 223 -10.77 -16.66 17.07
N GLU C 224 -10.34 -15.59 16.42
CA GLU C 224 -9.30 -14.77 17.02
C GLU C 224 -9.89 -14.05 18.24
N LEU C 225 -11.21 -14.06 18.32
CA LEU C 225 -11.90 -13.44 19.45
C LEU C 225 -12.34 -14.54 20.42
N ASP C 226 -12.36 -15.78 19.92
CA ASP C 226 -12.77 -16.93 20.72
C ASP C 226 -12.26 -18.21 20.07
N SER C 227 -11.02 -18.54 20.33
CA SER C 227 -10.39 -19.71 19.73
C SER C 227 -11.15 -21.03 19.93
N ASN C 228 -12.17 -21.06 20.78
CA ASN C 228 -12.90 -22.30 21.03
C ASN C 228 -14.32 -22.31 20.49
N ASN C 229 -14.74 -21.21 19.91
CA ASN C 229 -16.10 -21.09 19.39
C ASN C 229 -16.62 -22.36 18.71
N GLU C 230 -17.83 -22.78 19.07
CA GLU C 230 -18.37 -23.98 18.43
C GLU C 230 -18.80 -23.68 16.99
N LYS C 231 -19.40 -22.52 16.75
CA LYS C 231 -19.83 -22.21 15.41
C LYS C 231 -18.64 -21.84 14.53
N GLY C 232 -17.80 -20.94 15.04
CA GLY C 232 -16.62 -20.51 14.29
C GLY C 232 -15.89 -21.65 13.59
N LEU C 233 -15.53 -22.65 14.37
CA LEU C 233 -14.82 -23.82 13.87
C LEU C 233 -15.67 -24.63 12.88
N SER C 234 -16.94 -24.80 13.24
CA SER C 234 -17.91 -25.56 12.42
C SER C 234 -18.11 -24.95 11.05
N ARG C 235 -18.42 -23.66 11.03
CA ARG C 235 -18.63 -22.98 9.76
C ARG C 235 -17.35 -22.93 8.93
N ARG C 236 -16.21 -22.89 9.61
CA ARG C 236 -14.98 -22.88 8.84
C ARG C 236 -14.77 -24.28 8.30
N GLY C 237 -15.12 -25.29 9.10
CA GLY C 237 -14.99 -26.66 8.63
C GLY C 237 -15.89 -26.85 7.41
N GLU C 238 -17.10 -26.29 7.50
CA GLU C 238 -18.08 -26.37 6.41
C GLU C 238 -17.51 -25.74 5.14
N ALA C 239 -16.92 -24.56 5.33
CA ALA C 239 -16.34 -23.85 4.22
C ALA C 239 -15.24 -24.68 3.54
N HIS C 240 -14.33 -25.28 4.33
CA HIS C 240 -13.25 -26.09 3.77
C HIS C 240 -13.82 -27.31 3.05
N LEU C 241 -14.78 -27.98 3.68
CA LEU C 241 -15.35 -29.16 3.04
C LEU C 241 -16.02 -28.79 1.72
N ALA C 242 -16.69 -27.64 1.69
CA ALA C 242 -17.38 -27.21 0.49
C ALA C 242 -16.46 -27.10 -0.72
N VAL C 243 -15.34 -26.39 -0.53
CA VAL C 243 -14.37 -26.21 -1.60
C VAL C 243 -13.36 -27.36 -1.61
N ASN C 244 -13.76 -28.53 -1.12
CA ASN C 244 -12.91 -29.72 -1.16
C ASN C 244 -11.56 -29.85 -0.41
N ASP C 245 -11.18 -28.87 0.41
CA ASP C 245 -9.94 -29.00 1.19
C ASP C 245 -10.28 -29.92 2.39
N PHE C 246 -10.38 -31.22 2.11
CA PHE C 246 -10.72 -32.21 3.13
C PHE C 246 -9.80 -32.32 4.33
N GLU C 247 -8.48 -32.30 4.10
CA GLU C 247 -7.53 -32.43 5.19
C GLU C 247 -7.76 -31.33 6.21
N LEU C 248 -8.26 -30.17 5.76
CA LEU C 248 -8.50 -29.04 6.66
C LEU C 248 -9.89 -29.10 7.28
N ALA C 249 -10.90 -29.33 6.47
CA ALA C 249 -12.24 -29.45 7.03
C ALA C 249 -12.15 -30.50 8.18
N ARG C 250 -11.33 -31.54 7.96
CA ARG C 250 -11.18 -32.58 8.97
C ARG C 250 -10.69 -31.95 10.28
N ALA C 251 -9.52 -31.33 10.23
CA ALA C 251 -8.96 -30.66 11.40
C ALA C 251 -10.00 -29.84 12.22
N ASP C 252 -10.86 -29.07 11.56
CA ASP C 252 -11.87 -28.27 12.27
C ASP C 252 -12.93 -29.17 12.91
N PHE C 253 -13.44 -30.11 12.16
CA PHE C 253 -14.41 -30.97 12.77
C PHE C 253 -13.76 -31.70 13.98
N GLN C 254 -12.63 -32.36 13.76
CA GLN C 254 -11.98 -33.06 14.86
C GLN C 254 -11.95 -32.19 16.09
N LYS C 255 -11.37 -30.98 15.97
CA LYS C 255 -11.26 -30.07 17.13
C LYS C 255 -12.61 -29.71 17.69
N VAL C 256 -13.61 -29.70 16.82
CA VAL C 256 -14.97 -29.39 17.24
C VAL C 256 -15.54 -30.44 18.16
N LEU C 257 -15.30 -31.71 17.82
CA LEU C 257 -15.79 -32.85 18.60
C LEU C 257 -14.95 -33.10 19.86
N GLN C 258 -13.72 -32.63 19.85
CA GLN C 258 -12.83 -32.78 20.99
C GLN C 258 -12.95 -31.51 21.80
N LEU C 259 -14.19 -31.01 21.91
CA LEU C 259 -14.57 -29.77 22.62
C LEU C 259 -16.07 -29.81 22.88
N TYR C 260 -16.77 -30.35 21.90
CA TYR C 260 -18.21 -30.48 21.92
C TYR C 260 -18.43 -31.87 21.33
N PRO C 261 -18.33 -32.89 22.18
CA PRO C 261 -18.48 -34.30 21.83
C PRO C 261 -19.78 -34.62 21.13
N ASN C 262 -20.89 -34.20 21.73
CA ASN C 262 -22.22 -34.49 21.21
C ASN C 262 -22.62 -33.52 20.12
N ASN C 263 -21.63 -33.03 19.38
CA ASN C 263 -21.93 -32.09 18.31
C ASN C 263 -22.41 -32.83 17.08
N LYS C 264 -23.71 -32.74 16.88
CA LYS C 264 -24.38 -33.35 15.76
C LYS C 264 -23.59 -33.35 14.43
N ALA C 265 -23.61 -32.22 13.71
CA ALA C 265 -22.98 -32.11 12.41
C ALA C 265 -21.52 -32.48 12.29
N ALA C 266 -20.71 -32.12 13.29
CA ALA C 266 -19.28 -32.42 13.27
C ALA C 266 -19.00 -33.88 13.03
N LYS C 267 -19.61 -34.72 13.86
CA LYS C 267 -19.42 -36.16 13.78
C LYS C 267 -19.70 -36.71 12.36
N THR C 268 -20.84 -36.34 11.79
CA THR C 268 -21.22 -36.78 10.45
C THR C 268 -20.19 -36.35 9.39
N GLN C 269 -20.13 -35.05 9.17
CA GLN C 269 -19.21 -34.51 8.18
C GLN C 269 -17.78 -34.98 8.39
N LEU C 270 -17.41 -35.21 9.65
CA LEU C 270 -16.06 -35.71 9.89
C LEU C 270 -15.94 -37.00 9.07
N ALA C 271 -16.99 -37.81 9.12
CA ALA C 271 -17.03 -39.07 8.38
C ALA C 271 -16.76 -38.73 6.92
N VAL C 272 -17.56 -37.82 6.36
CA VAL C 272 -17.37 -37.42 4.97
C VAL C 272 -15.92 -37.17 4.64
N CYS C 273 -15.29 -36.26 5.39
CA CYS C 273 -13.88 -35.94 5.20
C CYS C 273 -13.06 -37.21 5.26
N GLN C 274 -13.30 -37.99 6.31
CA GLN C 274 -12.59 -39.24 6.54
C GLN C 274 -12.72 -40.20 5.35
N GLN C 275 -13.88 -40.17 4.70
CA GLN C 275 -14.17 -41.01 3.56
C GLN C 275 -13.46 -40.49 2.33
N ARG C 276 -13.80 -39.27 1.93
CA ARG C 276 -13.20 -38.65 0.76
C ARG C 276 -11.68 -38.78 0.76
N ILE C 277 -11.01 -38.45 1.88
CA ILE C 277 -9.54 -38.53 1.93
C ILE C 277 -9.02 -39.95 1.62
N ARG C 278 -9.80 -40.93 2.07
CA ARG C 278 -9.50 -42.34 1.84
C ARG C 278 -9.39 -42.57 0.32
N ARG C 279 -10.50 -42.33 -0.38
CA ARG C 279 -10.55 -42.49 -1.83
C ARG C 279 -9.35 -41.83 -2.45
N GLN C 280 -9.16 -40.56 -2.11
CA GLN C 280 -8.04 -39.77 -2.61
C GLN C 280 -6.73 -40.53 -2.50
N LEU C 281 -6.50 -41.14 -1.33
CA LEU C 281 -5.29 -41.90 -1.10
C LEU C 281 -5.18 -43.05 -2.11
N ALA C 282 -6.24 -43.83 -2.24
CA ALA C 282 -6.23 -44.93 -3.20
C ALA C 282 -5.79 -44.40 -4.58
N ARG C 283 -6.53 -43.41 -5.10
CA ARG C 283 -6.21 -42.79 -6.38
C ARG C 283 -4.70 -42.48 -6.46
N GLU C 284 -4.20 -41.66 -5.54
CA GLU C 284 -2.79 -41.26 -5.52
C GLU C 284 -1.79 -42.41 -5.50
N LYS C 285 -2.01 -43.36 -4.59
CA LYS C 285 -1.13 -44.52 -4.46
C LYS C 285 -1.15 -45.29 -5.78
N LYS C 286 -2.34 -45.65 -6.27
CA LYS C 286 -2.42 -46.36 -7.54
C LYS C 286 -1.70 -45.54 -8.59
N LEU C 287 -1.98 -44.25 -8.60
CA LEU C 287 -1.35 -43.39 -9.57
C LEU C 287 0.14 -43.49 -9.47
N TYR C 288 0.66 -43.36 -8.26
CA TYR C 288 2.10 -43.43 -8.08
C TYR C 288 2.61 -44.79 -8.52
N ALA C 289 1.86 -45.83 -8.16
CA ALA C 289 2.18 -47.20 -8.54
C ALA C 289 2.46 -47.27 -10.06
N ASN C 290 1.53 -46.72 -10.84
CA ASN C 290 1.66 -46.72 -12.28
C ASN C 290 2.81 -45.85 -12.77
N MET C 291 2.88 -44.62 -12.32
CA MET C 291 3.97 -43.77 -12.77
C MET C 291 5.30 -44.49 -12.57
N PHE C 292 5.37 -45.26 -11.50
CA PHE C 292 6.59 -46.00 -11.19
C PHE C 292 6.92 -47.00 -12.31
N GLU C 293 5.95 -47.84 -12.64
CA GLU C 293 6.11 -48.87 -13.66
C GLU C 293 6.36 -48.30 -15.04
N ARG C 294 5.75 -47.16 -15.38
CA ARG C 294 6.01 -46.58 -16.69
C ARG C 294 7.50 -46.27 -16.72
N LEU C 295 7.97 -45.70 -15.60
CA LEU C 295 9.37 -45.32 -15.47
C LEU C 295 10.32 -46.51 -15.54
N ALA C 296 9.93 -47.61 -14.92
CA ALA C 296 10.75 -48.82 -14.93
C ALA C 296 10.84 -49.32 -16.37
N GLU C 297 9.73 -49.16 -17.10
CA GLU C 297 9.62 -49.57 -18.49
C GLU C 297 10.66 -48.87 -19.34
N GLU C 298 10.81 -47.57 -19.15
CA GLU C 298 11.80 -46.78 -19.88
C GLU C 298 13.15 -47.28 -19.40
N GLU C 299 13.36 -47.28 -18.09
CA GLU C 299 14.61 -47.76 -17.50
C GLU C 299 15.12 -48.94 -18.31
N ASN C 300 14.24 -49.90 -18.57
CA ASN C 300 14.57 -51.10 -19.31
C ASN C 300 14.93 -50.88 -20.78
N LYS C 301 13.99 -50.41 -21.59
CA LYS C 301 14.31 -50.18 -22.99
C LYS C 301 15.48 -49.20 -23.17
N ALA C 302 15.68 -48.31 -22.20
CA ALA C 302 16.77 -47.32 -22.23
C ALA C 302 18.17 -47.91 -22.28
N LYS C 303 18.27 -49.24 -22.21
CA LYS C 303 19.57 -49.92 -22.25
C LYS C 303 20.15 -50.00 -23.67
N ALA C 304 19.61 -50.90 -24.48
CA ALA C 304 20.06 -51.13 -25.85
C ALA C 304 20.54 -49.88 -26.60
#